data_2LGW
#
_entry.id   2LGW
#
_entity_poly.entity_id   1
_entity_poly.type   'polypeptide(L)'
_entity_poly.pdbx_seq_one_letter_code
;MASYYEILDVPRSASADDIKKAYRRKALQWHPDKNPDNKEFAEKKFKEVAEAYEVLSDKHKREIYDRYGREGLTGTGTGP
SRAEAGSGGPGLEHHHHHH
;
_entity_poly.pdbx_strand_id   A
#
# COMPACT_ATOMS: atom_id res chain seq x y z
N MET A 1 15.89 -5.15 3.47
CA MET A 1 14.74 -4.40 3.99
C MET A 1 13.73 -4.10 2.89
N ALA A 2 12.61 -4.80 2.90
CA ALA A 2 11.55 -4.54 1.94
C ALA A 2 10.36 -3.88 2.61
N SER A 3 9.99 -4.43 3.77
CA SER A 3 8.91 -3.89 4.62
C SER A 3 7.54 -4.04 3.96
N TYR A 4 7.52 -4.48 2.71
CA TYR A 4 6.29 -4.61 1.94
C TYR A 4 5.31 -5.57 2.62
N TYR A 5 5.84 -6.61 3.25
CA TYR A 5 5.01 -7.57 3.98
C TYR A 5 4.19 -6.85 5.05
N GLU A 6 4.83 -5.91 5.73
CA GLU A 6 4.17 -5.15 6.78
C GLU A 6 3.23 -4.10 6.22
N ILE A 7 3.69 -3.39 5.19
CA ILE A 7 3.02 -2.18 4.72
C ILE A 7 1.72 -2.46 3.95
N LEU A 8 1.70 -3.48 3.11
CA LEU A 8 0.58 -3.65 2.19
C LEU A 8 -0.39 -4.72 2.65
N ASP A 9 -0.35 -5.86 1.98
CA ASP A 9 -1.35 -6.90 2.19
C ASP A 9 -0.71 -8.28 2.17
N VAL A 10 0.30 -8.45 1.33
CA VAL A 10 0.99 -9.73 1.21
C VAL A 10 2.51 -9.57 1.31
N PRO A 11 3.23 -10.68 1.59
CA PRO A 11 4.71 -10.71 1.63
C PRO A 11 5.35 -10.38 0.29
N ARG A 12 6.63 -10.00 0.32
CA ARG A 12 7.34 -9.74 -0.92
C ARG A 12 7.78 -11.09 -1.52
N SER A 13 7.09 -11.45 -2.59
CA SER A 13 7.28 -12.73 -3.24
C SER A 13 6.38 -12.75 -4.46
N ALA A 14 5.22 -12.15 -4.30
CA ALA A 14 4.29 -11.94 -5.39
C ALA A 14 4.81 -10.85 -6.32
N SER A 15 4.55 -11.00 -7.62
CA SER A 15 5.03 -10.06 -8.62
C SER A 15 4.34 -8.70 -8.47
N ALA A 16 4.89 -7.69 -9.13
CA ALA A 16 4.38 -6.32 -9.06
C ALA A 16 2.89 -6.26 -9.38
N ASP A 17 2.43 -7.19 -10.21
CA ASP A 17 1.02 -7.28 -10.58
C ASP A 17 0.16 -7.47 -9.36
N ASP A 18 0.61 -8.35 -8.48
CA ASP A 18 -0.12 -8.67 -7.26
C ASP A 18 -0.09 -7.49 -6.31
N ILE A 19 1.02 -6.75 -6.31
CA ILE A 19 1.15 -5.54 -5.49
C ILE A 19 0.05 -4.54 -5.83
N LYS A 20 -0.15 -4.30 -7.13
CA LYS A 20 -1.21 -3.39 -7.57
C LYS A 20 -2.58 -3.96 -7.22
N LYS A 21 -2.70 -5.28 -7.37
CA LYS A 21 -3.95 -5.97 -7.08
C LYS A 21 -4.24 -5.97 -5.57
N ALA A 22 -3.18 -6.08 -4.77
CA ALA A 22 -3.30 -6.01 -3.32
C ALA A 22 -3.82 -4.65 -2.88
N TYR A 23 -3.40 -3.61 -3.59
CA TYR A 23 -3.91 -2.28 -3.38
C TYR A 23 -5.40 -2.23 -3.72
N ARG A 24 -5.75 -2.76 -4.88
CA ARG A 24 -7.13 -2.75 -5.33
C ARG A 24 -8.03 -3.58 -4.41
N ARG A 25 -7.55 -4.76 -4.01
CA ARG A 25 -8.35 -5.64 -3.16
C ARG A 25 -8.58 -4.99 -1.80
N LYS A 26 -7.56 -4.34 -1.27
CA LYS A 26 -7.68 -3.66 0.01
C LYS A 26 -8.53 -2.41 -0.13
N ALA A 27 -8.42 -1.75 -1.27
CA ALA A 27 -9.27 -0.60 -1.58
C ALA A 27 -10.75 -0.97 -1.48
N LEU A 28 -11.11 -2.13 -2.03
CA LEU A 28 -12.48 -2.63 -1.92
C LEU A 28 -12.78 -3.10 -0.50
N GLN A 29 -11.76 -3.65 0.14
CA GLN A 29 -11.85 -4.14 1.52
C GLN A 29 -12.19 -3.01 2.49
N TRP A 30 -11.65 -1.83 2.24
CA TRP A 30 -11.91 -0.65 3.07
C TRP A 30 -12.73 0.39 2.31
N HIS A 31 -13.37 -0.06 1.26
CA HIS A 31 -14.22 0.81 0.45
C HIS A 31 -15.49 1.13 1.24
N PRO A 32 -16.02 2.37 1.09
CA PRO A 32 -17.17 2.87 1.87
C PRO A 32 -18.39 1.96 1.82
N ASP A 33 -18.54 1.24 0.73
CA ASP A 33 -19.65 0.28 0.60
C ASP A 33 -19.47 -0.86 1.58
N LYS A 34 -18.22 -1.11 1.97
CA LYS A 34 -17.87 -2.24 2.81
C LYS A 34 -17.49 -1.76 4.22
N ASN A 35 -17.57 -0.46 4.46
CA ASN A 35 -17.13 0.09 5.74
C ASN A 35 -18.35 0.43 6.60
N PRO A 36 -18.26 0.15 7.91
CA PRO A 36 -19.35 0.41 8.86
C PRO A 36 -19.32 1.84 9.42
N ASP A 37 -19.20 1.95 10.74
CA ASP A 37 -19.21 3.26 11.41
C ASP A 37 -17.81 3.87 11.44
N ASN A 38 -16.82 3.09 11.04
CA ASN A 38 -15.45 3.56 11.02
C ASN A 38 -15.03 3.91 9.60
N LYS A 39 -15.00 5.21 9.30
CA LYS A 39 -14.61 5.67 7.98
C LYS A 39 -13.15 6.08 7.98
N GLU A 40 -12.69 6.56 9.13
CA GLU A 40 -11.33 7.06 9.27
C GLU A 40 -10.32 5.96 8.98
N PHE A 41 -10.57 4.78 9.54
CA PHE A 41 -9.70 3.64 9.34
C PHE A 41 -9.73 3.18 7.89
N ALA A 42 -10.91 3.23 7.28
CA ALA A 42 -11.07 2.76 5.91
C ALA A 42 -10.34 3.68 4.93
N GLU A 43 -10.50 4.98 5.10
CA GLU A 43 -9.81 5.94 4.24
C GLU A 43 -8.32 5.95 4.55
N LYS A 44 -7.97 5.78 5.82
CA LYS A 44 -6.58 5.74 6.25
C LYS A 44 -5.86 4.59 5.55
N LYS A 45 -6.51 3.44 5.50
CA LYS A 45 -5.94 2.27 4.85
C LYS A 45 -5.85 2.48 3.35
N PHE A 46 -6.89 3.10 2.78
CA PHE A 46 -6.91 3.41 1.37
C PHE A 46 -5.77 4.36 1.00
N LYS A 47 -5.54 5.34 1.86
CA LYS A 47 -4.50 6.33 1.63
C LYS A 47 -3.10 5.71 1.76
N GLU A 48 -2.90 4.88 2.78
CA GLU A 48 -1.59 4.29 3.01
C GLU A 48 -1.26 3.21 1.98
N VAL A 49 -2.25 2.44 1.55
CA VAL A 49 -2.00 1.45 0.51
C VAL A 49 -1.67 2.12 -0.81
N ALA A 50 -2.35 3.23 -1.09
CA ALA A 50 -2.11 3.97 -2.32
C ALA A 50 -0.67 4.48 -2.39
N GLU A 51 -0.18 5.05 -1.29
CA GLU A 51 1.17 5.59 -1.26
C GLU A 51 2.21 4.47 -1.24
N ALA A 52 1.93 3.43 -0.48
CA ALA A 52 2.87 2.34 -0.29
C ALA A 52 3.00 1.48 -1.54
N TYR A 53 1.87 1.24 -2.20
CA TYR A 53 1.88 0.52 -3.47
C TYR A 53 2.53 1.40 -4.54
N GLU A 54 2.32 2.71 -4.43
CA GLU A 54 2.87 3.67 -5.36
C GLU A 54 4.40 3.61 -5.36
N VAL A 55 4.99 3.66 -4.16
CA VAL A 55 6.44 3.66 -4.05
C VAL A 55 7.04 2.32 -4.46
N LEU A 56 6.42 1.22 -4.08
CA LEU A 56 6.99 -0.09 -4.38
C LEU A 56 6.87 -0.45 -5.85
N SER A 57 5.84 0.06 -6.51
CA SER A 57 5.62 -0.27 -7.91
C SER A 57 6.57 0.52 -8.80
N ASP A 58 7.07 1.64 -8.30
CA ASP A 58 7.98 2.46 -9.06
C ASP A 58 9.36 2.44 -8.42
N LYS A 59 10.34 2.01 -9.20
CA LYS A 59 11.67 1.72 -8.67
C LYS A 59 12.34 3.00 -8.18
N HIS A 60 12.09 4.09 -8.87
CA HIS A 60 12.64 5.38 -8.48
C HIS A 60 12.01 5.87 -7.18
N LYS A 61 10.69 5.70 -7.07
CA LYS A 61 9.97 6.11 -5.87
C LYS A 61 10.48 5.38 -4.63
N ARG A 62 10.89 4.11 -4.80
CA ARG A 62 11.37 3.32 -3.67
C ARG A 62 12.58 3.98 -3.03
N GLU A 63 13.53 4.38 -3.87
CA GLU A 63 14.76 4.95 -3.38
C GLU A 63 14.52 6.34 -2.80
N ILE A 64 13.53 7.05 -3.35
CA ILE A 64 13.15 8.36 -2.82
C ILE A 64 12.65 8.20 -1.39
N TYR A 65 11.92 7.11 -1.17
CA TYR A 65 11.40 6.80 0.15
C TYR A 65 12.53 6.51 1.11
N ASP A 66 13.56 5.80 0.64
CA ASP A 66 14.71 5.48 1.47
C ASP A 66 15.61 6.70 1.73
N ARG A 67 15.89 7.47 0.67
CA ARG A 67 16.80 8.61 0.81
C ARG A 67 16.15 9.75 1.58
N TYR A 68 14.87 10.02 1.31
CA TYR A 68 14.19 11.15 1.89
C TYR A 68 13.50 10.74 3.17
N GLY A 69 13.64 9.46 3.49
CA GLY A 69 13.30 8.99 4.81
C GLY A 69 14.38 9.37 5.78
N ARG A 70 15.61 9.08 5.38
CA ARG A 70 16.78 9.46 6.14
C ARG A 70 16.97 10.98 6.20
N GLU A 71 16.80 11.63 5.05
CA GLU A 71 16.92 13.08 4.98
C GLU A 71 15.77 13.76 5.69
N MET A 1 14.43 -6.61 5.37
CA MET A 1 15.17 -5.49 4.72
C MET A 1 14.19 -4.45 4.19
N ALA A 2 13.50 -4.79 3.10
CA ALA A 2 12.57 -3.86 2.48
C ALA A 2 11.29 -3.72 3.29
N SER A 3 10.85 -4.84 3.87
CA SER A 3 9.67 -4.89 4.75
C SER A 3 8.38 -4.59 3.98
N TYR A 4 8.51 -4.30 2.70
CA TYR A 4 7.37 -3.98 1.85
C TYR A 4 6.39 -5.14 1.77
N TYR A 5 6.94 -6.35 1.76
CA TYR A 5 6.14 -7.56 1.79
C TYR A 5 5.24 -7.59 3.02
N GLU A 6 5.76 -7.14 4.16
CA GLU A 6 5.00 -7.10 5.41
C GLU A 6 3.97 -5.98 5.38
N ILE A 7 4.39 -4.80 4.91
CA ILE A 7 3.54 -3.61 4.97
C ILE A 7 2.38 -3.71 3.99
N LEU A 8 2.60 -4.38 2.85
CA LEU A 8 1.57 -4.49 1.83
C LEU A 8 0.82 -5.80 1.94
N ASP A 9 1.44 -6.88 1.47
CA ASP A 9 0.80 -8.20 1.42
C ASP A 9 1.74 -9.20 0.76
N VAL A 10 2.35 -8.78 -0.33
CA VAL A 10 3.12 -9.68 -1.19
C VAL A 10 4.58 -9.25 -1.29
N PRO A 11 5.47 -10.20 -1.60
CA PRO A 11 6.91 -9.93 -1.81
C PRO A 11 7.19 -9.40 -3.22
N ARG A 12 8.44 -9.02 -3.46
CA ARG A 12 8.84 -8.39 -4.71
C ARG A 12 8.99 -9.38 -5.86
N SER A 13 8.93 -10.67 -5.52
CA SER A 13 8.98 -11.72 -6.51
C SER A 13 7.72 -11.74 -7.36
N ALA A 14 6.69 -11.03 -6.90
CA ALA A 14 5.42 -10.92 -7.61
C ALA A 14 5.49 -9.80 -8.65
N SER A 15 4.84 -10.02 -9.78
CA SER A 15 4.81 -9.03 -10.84
C SER A 15 3.91 -7.85 -10.46
N ALA A 16 4.05 -6.74 -11.17
CA ALA A 16 3.36 -5.49 -10.81
C ALA A 16 1.86 -5.70 -10.62
N ASP A 17 1.26 -6.51 -11.49
CA ASP A 17 -0.18 -6.77 -11.44
C ASP A 17 -0.59 -7.41 -10.11
N ASP A 18 0.28 -8.25 -9.57
CA ASP A 18 -0.01 -8.93 -8.32
C ASP A 18 -0.02 -7.93 -7.17
N ILE A 19 0.93 -7.00 -7.19
CA ILE A 19 0.95 -5.89 -6.25
C ILE A 19 -0.31 -5.05 -6.42
N LYS A 20 -0.70 -4.84 -7.68
CA LYS A 20 -1.93 -4.14 -8.00
C LYS A 20 -3.13 -4.83 -7.35
N LYS A 21 -3.16 -6.16 -7.44
CA LYS A 21 -4.18 -6.95 -6.77
C LYS A 21 -4.11 -6.79 -5.24
N ALA A 22 -2.90 -6.69 -4.72
CA ALA A 22 -2.69 -6.62 -3.28
C ALA A 22 -3.30 -5.36 -2.67
N TYR A 23 -3.04 -4.20 -3.27
CA TYR A 23 -3.65 -2.98 -2.78
C TYR A 23 -5.14 -2.99 -3.07
N ARG A 24 -5.52 -3.54 -4.22
CA ARG A 24 -6.90 -3.61 -4.63
C ARG A 24 -7.76 -4.35 -3.62
N ARG A 25 -7.28 -5.50 -3.14
CA ARG A 25 -8.00 -6.28 -2.15
C ARG A 25 -8.07 -5.53 -0.83
N LYS A 26 -6.97 -4.86 -0.47
CA LYS A 26 -6.93 -4.06 0.75
C LYS A 26 -7.90 -2.87 0.63
N ALA A 27 -7.97 -2.31 -0.57
CA ALA A 27 -8.89 -1.22 -0.86
C ALA A 27 -10.33 -1.65 -0.68
N LEU A 28 -10.61 -2.91 -1.03
CA LEU A 28 -11.95 -3.47 -0.92
C LEU A 28 -12.34 -3.67 0.55
N GLN A 29 -11.36 -4.04 1.37
CA GLN A 29 -11.61 -4.28 2.79
C GLN A 29 -12.09 -3.00 3.50
N TRP A 30 -11.53 -1.87 3.10
CA TRP A 30 -11.91 -0.59 3.70
C TRP A 30 -12.73 0.25 2.72
N HIS A 31 -13.32 -0.41 1.73
CA HIS A 31 -14.09 0.28 0.71
C HIS A 31 -15.39 0.76 1.33
N PRO A 32 -15.87 1.97 0.99
CA PRO A 32 -16.97 2.64 1.73
C PRO A 32 -18.20 1.76 1.88
N ASP A 33 -18.52 0.99 0.86
CA ASP A 33 -19.71 0.14 0.85
C ASP A 33 -19.56 -0.99 1.87
N LYS A 34 -18.33 -1.36 2.15
CA LYS A 34 -18.03 -2.43 3.10
C LYS A 34 -17.45 -1.86 4.38
N ASN A 35 -17.62 -0.56 4.54
CA ASN A 35 -17.14 0.13 5.74
C ASN A 35 -18.33 0.51 6.61
N PRO A 36 -18.24 0.26 7.93
CA PRO A 36 -19.34 0.49 8.86
C PRO A 36 -19.48 1.95 9.30
N ASP A 37 -19.38 2.21 10.60
CA ASP A 37 -19.64 3.54 11.13
C ASP A 37 -18.35 4.32 11.33
N ASN A 38 -17.23 3.65 11.20
CA ASN A 38 -15.94 4.31 11.32
C ASN A 38 -15.37 4.57 9.93
N LYS A 39 -15.49 5.81 9.47
CA LYS A 39 -15.09 6.14 8.12
C LYS A 39 -13.67 6.66 8.07
N GLU A 40 -13.23 7.27 9.16
CA GLU A 40 -11.92 7.91 9.21
C GLU A 40 -10.83 6.92 8.84
N PHE A 41 -10.91 5.73 9.38
CA PHE A 41 -9.93 4.68 9.11
C PHE A 41 -9.92 4.31 7.63
N ALA A 42 -11.11 4.18 7.04
CA ALA A 42 -11.22 3.80 5.64
C ALA A 42 -10.55 4.84 4.75
N GLU A 43 -10.80 6.11 5.02
CA GLU A 43 -10.23 7.19 4.22
C GLU A 43 -8.73 7.28 4.44
N LYS A 44 -8.32 7.19 5.70
CA LYS A 44 -6.91 7.29 6.05
C LYS A 44 -6.10 6.14 5.48
N LYS A 45 -6.66 4.93 5.55
CA LYS A 45 -5.98 3.76 5.01
C LYS A 45 -5.98 3.79 3.49
N PHE A 46 -7.05 4.33 2.91
CA PHE A 46 -7.11 4.55 1.47
C PHE A 46 -6.00 5.50 1.04
N LYS A 47 -5.76 6.51 1.85
CA LYS A 47 -4.65 7.44 1.62
C LYS A 47 -3.32 6.71 1.74
N GLU A 48 -3.18 5.89 2.80
CA GLU A 48 -1.95 5.17 3.07
C GLU A 48 -1.63 4.17 1.96
N VAL A 49 -2.63 3.44 1.50
CA VAL A 49 -2.41 2.47 0.44
C VAL A 49 -2.08 3.16 -0.87
N ALA A 50 -2.69 4.31 -1.13
CA ALA A 50 -2.47 5.03 -2.38
C ALA A 50 -1.02 5.51 -2.50
N GLU A 51 -0.49 6.08 -1.44
CA GLU A 51 0.88 6.56 -1.45
C GLU A 51 1.84 5.38 -1.45
N ALA A 52 1.45 4.33 -0.74
CA ALA A 52 2.29 3.18 -0.58
C ALA A 52 2.32 2.33 -1.85
N TYR A 53 1.16 2.08 -2.47
CA TYR A 53 1.14 1.25 -3.66
C TYR A 53 1.92 1.92 -4.77
N GLU A 54 1.85 3.25 -4.79
CA GLU A 54 2.59 4.03 -5.77
C GLU A 54 4.10 3.82 -5.59
N VAL A 55 4.59 3.97 -4.38
CA VAL A 55 6.01 3.82 -4.10
C VAL A 55 6.49 2.36 -4.17
N LEU A 56 5.67 1.44 -3.67
CA LEU A 56 6.08 0.03 -3.55
C LEU A 56 6.24 -0.65 -4.90
N SER A 57 5.56 -0.13 -5.91
CA SER A 57 5.55 -0.74 -7.22
C SER A 57 6.84 -0.41 -7.97
N ASP A 58 7.50 0.68 -7.58
CA ASP A 58 8.71 1.10 -8.25
C ASP A 58 9.91 1.00 -7.32
N LYS A 59 10.90 0.22 -7.73
CA LYS A 59 12.11 0.00 -6.93
C LYS A 59 12.92 1.27 -6.76
N HIS A 60 12.93 2.07 -7.80
CA HIS A 60 13.63 3.35 -7.78
C HIS A 60 12.93 4.34 -6.85
N LYS A 61 11.61 4.35 -6.92
CA LYS A 61 10.81 5.22 -6.05
C LYS A 61 11.02 4.82 -4.59
N ARG A 62 11.22 3.54 -4.35
CA ARG A 62 11.54 3.06 -3.01
C ARG A 62 12.87 3.64 -2.53
N GLU A 63 13.82 3.78 -3.45
CA GLU A 63 15.12 4.36 -3.13
C GLU A 63 14.94 5.81 -2.67
N ILE A 64 14.11 6.54 -3.40
CA ILE A 64 13.82 7.93 -3.07
C ILE A 64 13.11 8.03 -1.72
N TYR A 65 12.12 7.17 -1.52
CA TYR A 65 11.33 7.15 -0.29
C TYR A 65 12.19 6.75 0.91
N ASP A 66 13.14 5.85 0.69
CA ASP A 66 13.96 5.33 1.77
C ASP A 66 14.88 6.42 2.32
N ARG A 67 15.56 7.13 1.44
CA ARG A 67 16.50 8.16 1.87
C ARG A 67 15.81 9.48 2.20
N TYR A 68 14.83 9.87 1.38
CA TYR A 68 14.23 11.20 1.50
C TYR A 68 13.00 11.13 2.39
N GLY A 69 12.82 9.99 3.02
CA GLY A 69 11.82 9.87 4.06
C GLY A 69 12.38 10.28 5.38
N ARG A 70 13.56 9.76 5.66
CA ARG A 70 14.30 10.09 6.88
C ARG A 70 14.75 11.55 6.85
N GLU A 71 15.23 11.99 5.70
CA GLU A 71 15.72 13.35 5.53
C GLU A 71 14.56 14.34 5.36
N MET A 1 14.13 -2.79 8.64
CA MET A 1 14.74 -3.35 7.42
C MET A 1 13.68 -3.53 6.34
N ALA A 2 13.42 -2.45 5.58
CA ALA A 2 12.44 -2.44 4.50
C ALA A 2 11.00 -2.53 5.02
N SER A 3 10.61 -3.70 5.51
CA SER A 3 9.26 -3.91 6.04
C SER A 3 8.19 -3.65 4.97
N TYR A 4 8.56 -3.84 3.70
CA TYR A 4 7.63 -3.64 2.61
C TYR A 4 6.56 -4.72 2.62
N TYR A 5 6.94 -5.91 3.04
CA TYR A 5 6.01 -7.01 3.20
C TYR A 5 4.97 -6.66 4.26
N GLU A 6 5.43 -5.92 5.27
CA GLU A 6 4.56 -5.49 6.36
C GLU A 6 3.65 -4.35 5.94
N ILE A 7 4.20 -3.38 5.23
CA ILE A 7 3.45 -2.18 4.87
C ILE A 7 2.34 -2.47 3.86
N LEU A 8 2.62 -3.31 2.88
CA LEU A 8 1.61 -3.68 1.91
C LEU A 8 1.07 -5.08 2.20
N ASP A 9 1.49 -6.04 1.39
CA ASP A 9 1.02 -7.44 1.49
C ASP A 9 2.04 -8.37 0.85
N VAL A 10 2.85 -7.83 -0.05
CA VAL A 10 3.82 -8.62 -0.80
C VAL A 10 5.24 -8.15 -0.50
N PRO A 11 6.25 -9.00 -0.74
CA PRO A 11 7.65 -8.75 -0.35
C PRO A 11 8.24 -7.48 -0.96
N ARG A 12 8.70 -7.57 -2.21
CA ARG A 12 9.35 -6.44 -2.87
C ARG A 12 9.61 -6.73 -4.35
N SER A 13 9.94 -7.97 -4.68
CA SER A 13 10.20 -8.36 -6.06
C SER A 13 8.96 -8.98 -6.69
N ALA A 14 7.80 -8.61 -6.18
CA ALA A 14 6.54 -9.11 -6.69
C ALA A 14 6.13 -8.34 -7.95
N SER A 15 5.49 -9.04 -8.87
CA SER A 15 4.95 -8.41 -10.08
C SER A 15 4.03 -7.25 -9.70
N ALA A 16 4.29 -6.10 -10.31
CA ALA A 16 3.65 -4.83 -9.93
C ALA A 16 2.12 -4.92 -9.92
N ASP A 17 1.56 -5.71 -10.82
CA ASP A 17 0.10 -5.89 -10.89
C ASP A 17 -0.42 -6.52 -9.60
N ASP A 18 0.38 -7.40 -9.03
CA ASP A 18 0.02 -8.07 -7.78
C ASP A 18 0.04 -7.06 -6.63
N ILE A 19 0.97 -6.13 -6.70
CA ILE A 19 0.97 -4.99 -5.79
C ILE A 19 -0.32 -4.20 -5.93
N LYS A 20 -0.74 -4.00 -7.19
CA LYS A 20 -2.02 -3.36 -7.47
C LYS A 20 -3.15 -4.17 -6.87
N LYS A 21 -3.03 -5.50 -6.94
CA LYS A 21 -4.02 -6.40 -6.34
C LYS A 21 -4.05 -6.24 -4.82
N ALA A 22 -2.88 -6.25 -4.19
CA ALA A 22 -2.78 -6.11 -2.75
C ALA A 22 -3.37 -4.78 -2.31
N TYR A 23 -3.11 -3.74 -3.09
CA TYR A 23 -3.65 -2.42 -2.85
C TYR A 23 -5.17 -2.39 -3.05
N ARG A 24 -5.64 -2.91 -4.18
CA ARG A 24 -7.05 -2.89 -4.51
C ARG A 24 -7.86 -3.80 -3.59
N ARG A 25 -7.30 -4.94 -3.24
CA ARG A 25 -7.94 -5.85 -2.29
C ARG A 25 -8.08 -5.19 -0.93
N LYS A 26 -7.02 -4.52 -0.48
CA LYS A 26 -7.02 -3.84 0.80
C LYS A 26 -8.01 -2.68 0.77
N ALA A 27 -8.00 -1.96 -0.34
CA ALA A 27 -8.93 -0.85 -0.56
C ALA A 27 -10.38 -1.34 -0.60
N LEU A 28 -10.58 -2.52 -1.17
CA LEU A 28 -11.90 -3.10 -1.32
C LEU A 28 -12.51 -3.45 0.04
N GLN A 29 -11.68 -3.93 0.96
CA GLN A 29 -12.16 -4.31 2.29
C GLN A 29 -12.70 -3.10 3.05
N TRP A 30 -12.07 -1.94 2.82
CA TRP A 30 -12.48 -0.71 3.47
C TRP A 30 -13.18 0.21 2.47
N HIS A 31 -13.65 -0.38 1.38
CA HIS A 31 -14.31 0.35 0.32
C HIS A 31 -15.69 0.82 0.81
N PRO A 32 -16.21 1.93 0.28
CA PRO A 32 -17.53 2.46 0.70
C PRO A 32 -18.63 1.41 0.58
N ASP A 33 -18.47 0.51 -0.37
CA ASP A 33 -19.42 -0.57 -0.59
C ASP A 33 -19.34 -1.59 0.53
N LYS A 34 -18.19 -1.66 1.20
CA LYS A 34 -17.94 -2.68 2.20
C LYS A 34 -17.76 -2.09 3.61
N ASN A 35 -17.78 -0.77 3.73
CA ASN A 35 -17.54 -0.15 5.02
C ASN A 35 -18.85 0.32 5.64
N PRO A 36 -19.00 0.15 6.97
CA PRO A 36 -20.20 0.50 7.70
C PRO A 36 -20.14 1.92 8.26
N ASP A 37 -19.93 2.04 9.58
CA ASP A 37 -19.94 3.35 10.22
C ASP A 37 -18.54 3.90 10.42
N ASN A 38 -17.53 3.08 10.12
CA ASN A 38 -16.16 3.51 10.25
C ASN A 38 -15.65 4.04 8.92
N LYS A 39 -15.61 5.35 8.80
CA LYS A 39 -15.11 5.99 7.59
C LYS A 39 -13.71 6.50 7.84
N GLU A 40 -13.44 6.85 9.09
CA GLU A 40 -12.14 7.34 9.51
C GLU A 40 -11.07 6.30 9.21
N PHE A 41 -11.38 5.05 9.51
CA PHE A 41 -10.47 3.95 9.26
C PHE A 41 -10.36 3.68 7.77
N ALA A 42 -11.48 3.81 7.07
CA ALA A 42 -11.52 3.57 5.64
C ALA A 42 -10.64 4.57 4.89
N GLU A 43 -10.71 5.84 5.27
CA GLU A 43 -9.88 6.84 4.62
C GLU A 43 -8.41 6.64 5.01
N LYS A 44 -8.16 6.29 6.27
CA LYS A 44 -6.80 6.01 6.73
C LYS A 44 -6.18 4.88 5.94
N LYS A 45 -6.93 3.79 5.79
CA LYS A 45 -6.45 2.60 5.09
C LYS A 45 -6.22 2.90 3.62
N PHE A 46 -7.07 3.76 3.07
CA PHE A 46 -6.93 4.16 1.68
C PHE A 46 -5.66 4.99 1.49
N LYS A 47 -5.38 5.87 2.44
CA LYS A 47 -4.19 6.72 2.35
C LYS A 47 -2.92 5.90 2.50
N GLU A 48 -2.89 5.01 3.50
CA GLU A 48 -1.69 4.24 3.80
C GLU A 48 -1.38 3.27 2.68
N VAL A 49 -2.40 2.67 2.08
CA VAL A 49 -2.16 1.75 0.98
C VAL A 49 -1.72 2.50 -0.27
N ALA A 50 -2.30 3.68 -0.49
CA ALA A 50 -1.96 4.47 -1.66
C ALA A 50 -0.51 4.91 -1.64
N GLU A 51 -0.03 5.36 -0.49
CA GLU A 51 1.35 5.82 -0.37
C GLU A 51 2.30 4.63 -0.41
N ALA A 52 1.92 3.56 0.27
CA ALA A 52 2.77 2.40 0.42
C ALA A 52 2.83 1.57 -0.87
N TYR A 53 1.72 1.44 -1.56
CA TYR A 53 1.68 0.69 -2.80
C TYR A 53 2.39 1.47 -3.91
N GLU A 54 2.24 2.79 -3.87
CA GLU A 54 2.85 3.65 -4.88
C GLU A 54 4.38 3.54 -4.81
N VAL A 55 4.91 3.61 -3.59
CA VAL A 55 6.34 3.52 -3.40
C VAL A 55 6.88 2.12 -3.69
N LEU A 56 6.15 1.09 -3.26
CA LEU A 56 6.63 -0.28 -3.43
C LEU A 56 6.51 -0.77 -4.87
N SER A 57 5.53 -0.28 -5.59
CA SER A 57 5.29 -0.74 -6.95
C SER A 57 6.22 -0.04 -7.93
N ASP A 58 6.74 1.11 -7.53
CA ASP A 58 7.55 1.93 -8.43
C ASP A 58 8.99 1.96 -7.98
N LYS A 59 9.88 1.58 -8.89
CA LYS A 59 11.29 1.45 -8.57
C LYS A 59 11.93 2.81 -8.27
N HIS A 60 11.44 3.87 -8.91
CA HIS A 60 11.95 5.22 -8.64
C HIS A 60 11.55 5.65 -7.24
N LYS A 61 10.31 5.36 -6.86
CA LYS A 61 9.85 5.61 -5.50
C LYS A 61 10.67 4.81 -4.49
N ARG A 62 11.05 3.59 -4.87
CA ARG A 62 11.92 2.76 -4.07
C ARG A 62 13.26 3.47 -3.85
N GLU A 63 13.75 4.11 -4.92
CA GLU A 63 14.97 4.90 -4.85
C GLU A 63 14.74 6.11 -3.93
N ILE A 64 13.56 6.71 -4.05
CA ILE A 64 13.22 7.89 -3.26
C ILE A 64 13.16 7.54 -1.78
N TYR A 65 12.54 6.42 -1.43
CA TYR A 65 12.46 6.01 -0.04
C TYR A 65 13.85 5.73 0.52
N ASP A 66 14.71 5.15 -0.31
CA ASP A 66 16.06 4.80 0.10
C ASP A 66 16.85 6.04 0.50
N ARG A 67 16.75 7.08 -0.31
CA ARG A 67 17.50 8.31 -0.07
C ARG A 67 16.74 9.30 0.81
N TYR A 68 15.47 9.54 0.51
CA TYR A 68 14.71 10.61 1.14
C TYR A 68 13.91 10.07 2.33
N GLY A 69 13.87 8.75 2.47
CA GLY A 69 13.22 8.15 3.63
C GLY A 69 13.90 8.55 4.90
N ARG A 70 15.22 8.49 4.85
CA ARG A 70 16.07 8.92 5.95
C ARG A 70 15.98 10.43 6.17
N GLU A 71 15.80 11.18 5.08
CA GLU A 71 15.75 12.64 5.14
C GLU A 71 14.37 13.10 5.59
N MET A 1 14.75 -6.34 4.37
CA MET A 1 13.95 -7.57 4.20
C MET A 1 12.54 -7.23 3.70
N ALA A 2 12.46 -6.17 2.89
CA ALA A 2 11.19 -5.70 2.34
C ALA A 2 10.17 -5.38 3.43
N SER A 3 10.39 -4.28 4.14
CA SER A 3 9.45 -3.82 5.15
C SER A 3 8.16 -3.31 4.49
N TYR A 4 8.09 -3.46 3.17
CA TYR A 4 6.91 -3.11 2.40
C TYR A 4 5.77 -4.08 2.72
N TYR A 5 6.11 -5.28 3.18
CA TYR A 5 5.11 -6.24 3.61
C TYR A 5 4.23 -5.62 4.69
N GLU A 6 4.85 -4.75 5.50
CA GLU A 6 4.15 -4.08 6.59
C GLU A 6 3.20 -3.00 6.06
N ILE A 7 3.69 -2.22 5.10
CA ILE A 7 2.92 -1.10 4.56
C ILE A 7 1.76 -1.57 3.70
N LEU A 8 1.99 -2.61 2.92
CA LEU A 8 0.94 -3.17 2.07
C LEU A 8 0.36 -4.42 2.72
N ASP A 9 0.94 -5.58 2.39
CA ASP A 9 0.56 -6.88 2.95
C ASP A 9 1.27 -8.00 2.21
N VAL A 10 1.80 -7.68 1.03
CA VAL A 10 2.65 -8.60 0.28
C VAL A 10 4.03 -7.99 0.06
N PRO A 11 5.06 -8.82 -0.08
CA PRO A 11 6.43 -8.36 -0.29
C PRO A 11 6.75 -8.13 -1.78
N ARG A 12 7.86 -7.44 -2.02
CA ARG A 12 8.25 -7.03 -3.38
C ARG A 12 8.69 -8.21 -4.23
N SER A 13 8.74 -9.37 -3.62
CA SER A 13 8.99 -10.62 -4.34
C SER A 13 7.96 -10.80 -5.45
N ALA A 14 6.75 -10.32 -5.20
CA ALA A 14 5.68 -10.37 -6.18
C ALA A 14 5.89 -9.31 -7.26
N SER A 15 5.50 -9.61 -8.49
CA SER A 15 5.59 -8.66 -9.59
C SER A 15 4.69 -7.45 -9.35
N ALA A 16 5.02 -6.32 -9.97
CA ALA A 16 4.39 -5.04 -9.67
C ALA A 16 2.85 -5.12 -9.73
N ASP A 17 2.34 -5.79 -10.75
CA ASP A 17 0.89 -5.92 -10.94
C ASP A 17 0.25 -6.67 -9.77
N ASP A 18 0.97 -7.63 -9.24
CA ASP A 18 0.50 -8.40 -8.10
C ASP A 18 0.29 -7.49 -6.89
N ILE A 19 1.23 -6.56 -6.70
CA ILE A 19 1.12 -5.54 -5.65
C ILE A 19 -0.09 -4.65 -5.87
N LYS A 20 -0.34 -4.32 -7.15
CA LYS A 20 -1.50 -3.52 -7.51
C LYS A 20 -2.78 -4.20 -7.05
N LYS A 21 -2.83 -5.52 -7.23
CA LYS A 21 -4.02 -6.28 -6.86
C LYS A 21 -4.18 -6.31 -5.35
N ALA A 22 -3.07 -6.38 -4.62
CA ALA A 22 -3.10 -6.34 -3.17
C ALA A 22 -3.64 -5.01 -2.69
N TYR A 23 -3.30 -3.95 -3.41
CA TYR A 23 -3.83 -2.63 -3.15
C TYR A 23 -5.33 -2.58 -3.40
N ARG A 24 -5.76 -3.18 -4.51
CA ARG A 24 -7.16 -3.16 -4.90
C ARG A 24 -8.02 -3.98 -3.94
N ARG A 25 -7.51 -5.12 -3.48
CA ARG A 25 -8.26 -5.96 -2.56
C ARG A 25 -8.37 -5.28 -1.19
N LYS A 26 -7.32 -4.58 -0.80
CA LYS A 26 -7.33 -3.84 0.44
C LYS A 26 -8.24 -2.63 0.32
N ALA A 27 -8.15 -1.96 -0.82
CA ALA A 27 -9.00 -0.82 -1.14
C ALA A 27 -10.47 -1.22 -1.07
N LEU A 28 -10.79 -2.36 -1.67
CA LEU A 28 -12.16 -2.87 -1.67
C LEU A 28 -12.63 -3.15 -0.25
N GLN A 29 -11.73 -3.64 0.58
CA GLN A 29 -12.03 -3.98 1.97
C GLN A 29 -12.37 -2.73 2.77
N TRP A 30 -11.78 -1.60 2.41
CA TRP A 30 -12.01 -0.36 3.14
C TRP A 30 -12.93 0.58 2.36
N HIS A 31 -13.56 0.06 1.32
CA HIS A 31 -14.61 0.80 0.64
C HIS A 31 -15.91 0.65 1.42
N PRO A 32 -16.76 1.69 1.38
CA PRO A 32 -17.93 1.83 2.26
C PRO A 32 -18.87 0.64 2.24
N ASP A 33 -18.91 -0.04 1.10
CA ASP A 33 -19.73 -1.24 0.94
C ASP A 33 -19.26 -2.36 1.87
N LYS A 34 -17.95 -2.39 2.15
CA LYS A 34 -17.36 -3.41 3.02
C LYS A 34 -16.89 -2.79 4.33
N ASN A 35 -17.23 -1.52 4.53
CA ASN A 35 -16.78 -0.79 5.71
C ASN A 35 -17.95 -0.57 6.66
N PRO A 36 -17.70 -0.69 7.97
CA PRO A 36 -18.73 -0.45 8.99
C PRO A 36 -18.97 1.03 9.26
N ASP A 37 -18.71 1.48 10.48
CA ASP A 37 -19.01 2.85 10.89
C ASP A 37 -17.79 3.75 10.79
N ASN A 38 -16.64 3.16 10.50
CA ASN A 38 -15.39 3.92 10.51
C ASN A 38 -14.94 4.24 9.10
N LYS A 39 -15.22 5.45 8.66
CA LYS A 39 -14.80 5.91 7.34
C LYS A 39 -13.48 6.64 7.45
N GLU A 40 -13.21 7.17 8.63
CA GLU A 40 -11.98 7.89 8.91
C GLU A 40 -10.79 6.94 8.73
N PHE A 41 -10.94 5.73 9.25
CA PHE A 41 -9.91 4.70 9.08
C PHE A 41 -9.90 4.18 7.65
N ALA A 42 -11.08 4.05 7.04
CA ALA A 42 -11.19 3.51 5.69
C ALA A 42 -10.47 4.39 4.68
N GLU A 43 -10.70 5.70 4.78
CA GLU A 43 -10.04 6.64 3.88
C GLU A 43 -8.55 6.71 4.22
N LYS A 44 -8.24 6.60 5.50
CA LYS A 44 -6.86 6.58 5.97
C LYS A 44 -6.09 5.44 5.33
N LYS A 45 -6.68 4.24 5.36
CA LYS A 45 -6.03 3.07 4.82
C LYS A 45 -6.01 3.11 3.31
N PHE A 46 -7.07 3.67 2.72
CA PHE A 46 -7.11 3.88 1.28
C PHE A 46 -5.98 4.82 0.86
N LYS A 47 -5.74 5.83 1.68
CA LYS A 47 -4.66 6.78 1.45
C LYS A 47 -3.31 6.09 1.61
N GLU A 48 -3.18 5.32 2.68
CA GLU A 48 -1.93 4.64 2.99
C GLU A 48 -1.59 3.59 1.93
N VAL A 49 -2.58 2.82 1.49
CA VAL A 49 -2.32 1.79 0.49
C VAL A 49 -1.97 2.42 -0.86
N ALA A 50 -2.62 3.53 -1.20
CA ALA A 50 -2.37 4.19 -2.48
C ALA A 50 -0.93 4.66 -2.59
N GLU A 51 -0.43 5.28 -1.53
CA GLU A 51 0.95 5.75 -1.52
C GLU A 51 1.92 4.58 -1.41
N ALA A 52 1.52 3.59 -0.63
CA ALA A 52 2.37 2.45 -0.31
C ALA A 52 2.49 1.48 -1.48
N TYR A 53 1.40 1.26 -2.20
CA TYR A 53 1.45 0.39 -3.37
C TYR A 53 2.22 1.09 -4.48
N GLU A 54 2.06 2.40 -4.56
CA GLU A 54 2.74 3.19 -5.57
C GLU A 54 4.25 3.17 -5.36
N VAL A 55 4.68 3.38 -4.12
CA VAL A 55 6.10 3.39 -3.80
C VAL A 55 6.72 2.01 -4.03
N LEU A 56 5.98 0.96 -3.69
CA LEU A 56 6.48 -0.40 -3.85
C LEU A 56 6.50 -0.83 -5.31
N SER A 57 5.58 -0.28 -6.10
CA SER A 57 5.47 -0.67 -7.50
C SER A 57 6.45 0.10 -8.38
N ASP A 58 6.93 1.23 -7.87
CA ASP A 58 7.79 2.11 -8.67
C ASP A 58 9.22 2.14 -8.12
N LYS A 59 10.17 1.93 -9.04
CA LYS A 59 11.59 1.82 -8.68
C LYS A 59 12.12 3.15 -8.16
N HIS A 60 11.64 4.25 -8.73
CA HIS A 60 12.06 5.59 -8.32
C HIS A 60 11.54 5.90 -6.94
N LYS A 61 10.29 5.55 -6.68
CA LYS A 61 9.71 5.73 -5.38
C LYS A 61 10.47 4.93 -4.33
N ARG A 62 10.92 3.73 -4.69
CA ARG A 62 11.66 2.88 -3.76
C ARG A 62 12.96 3.54 -3.32
N GLU A 63 13.71 4.08 -4.27
CA GLU A 63 14.99 4.69 -3.97
C GLU A 63 14.79 6.01 -3.23
N ILE A 64 13.74 6.74 -3.59
CA ILE A 64 13.39 7.96 -2.90
C ILE A 64 12.99 7.66 -1.47
N TYR A 65 12.26 6.57 -1.27
CA TYR A 65 11.87 6.13 0.06
C TYR A 65 13.10 5.85 0.92
N ASP A 66 14.12 5.28 0.30
CA ASP A 66 15.36 4.96 1.01
C ASP A 66 16.17 6.21 1.32
N ARG A 67 16.34 7.07 0.30
CA ARG A 67 17.21 8.24 0.43
C ARG A 67 16.54 9.36 1.23
N TYR A 68 15.23 9.47 1.15
CA TYR A 68 14.50 10.51 1.86
C TYR A 68 14.01 9.99 3.20
N GLY A 69 14.13 8.69 3.39
CA GLY A 69 13.71 8.07 4.63
C GLY A 69 14.69 8.31 5.75
N ARG A 70 15.95 8.08 5.44
CA ARG A 70 17.04 8.27 6.40
C ARG A 70 17.15 9.73 6.84
N GLU A 71 16.73 10.64 5.98
CA GLU A 71 16.85 12.07 6.25
C GLU A 71 15.91 12.50 7.37
N MET A 1 10.87 -11.69 3.87
CA MET A 1 11.13 -10.61 4.85
C MET A 1 11.23 -9.27 4.14
N ALA A 2 10.40 -8.32 4.55
CA ALA A 2 10.35 -7.02 3.90
C ALA A 2 9.59 -6.00 4.74
N SER A 3 10.13 -4.79 4.80
CA SER A 3 9.46 -3.67 5.44
C SER A 3 8.28 -3.21 4.59
N TYR A 4 8.40 -3.41 3.28
CA TYR A 4 7.33 -3.10 2.34
C TYR A 4 6.15 -4.04 2.57
N TYR A 5 6.46 -5.23 3.08
CA TYR A 5 5.44 -6.21 3.42
C TYR A 5 4.61 -5.70 4.60
N GLU A 6 5.28 -4.96 5.48
CA GLU A 6 4.62 -4.37 6.63
C GLU A 6 3.72 -3.21 6.22
N ILE A 7 4.23 -2.35 5.34
CA ILE A 7 3.51 -1.15 4.93
C ILE A 7 2.29 -1.50 4.09
N LEU A 8 2.45 -2.46 3.18
CA LEU A 8 1.33 -2.91 2.35
C LEU A 8 0.79 -4.23 2.89
N ASP A 9 1.30 -5.33 2.33
CA ASP A 9 1.00 -6.69 2.80
C ASP A 9 1.62 -7.73 1.87
N VAL A 10 2.39 -7.26 0.87
CA VAL A 10 3.11 -8.16 -0.04
C VAL A 10 4.60 -7.90 0.00
N PRO A 11 5.42 -8.91 -0.33
CA PRO A 11 6.88 -8.80 -0.34
C PRO A 11 7.40 -7.88 -1.45
N ARG A 12 8.64 -7.43 -1.30
CA ARG A 12 9.24 -6.47 -2.21
C ARG A 12 9.50 -7.04 -3.60
N SER A 13 9.54 -8.36 -3.67
CA SER A 13 9.79 -9.06 -4.93
C SER A 13 8.53 -9.09 -5.80
N ALA A 14 7.45 -8.54 -5.27
CA ALA A 14 6.19 -8.48 -5.98
C ALA A 14 6.27 -7.40 -7.06
N SER A 15 5.63 -7.66 -8.19
CA SER A 15 5.61 -6.72 -9.30
C SER A 15 4.47 -5.73 -9.12
N ALA A 16 4.42 -4.73 -9.97
CA ALA A 16 3.43 -3.66 -9.86
C ALA A 16 2.01 -4.22 -9.74
N ASP A 17 1.72 -5.27 -10.51
CA ASP A 17 0.40 -5.91 -10.48
C ASP A 17 0.13 -6.55 -9.13
N ASP A 18 1.15 -7.18 -8.57
CA ASP A 18 1.03 -7.85 -7.27
C ASP A 18 0.70 -6.82 -6.19
N ILE A 19 1.40 -5.68 -6.23
CA ILE A 19 1.13 -4.59 -5.31
C ILE A 19 -0.27 -4.03 -5.53
N LYS A 20 -0.69 -3.95 -6.79
CA LYS A 20 -2.03 -3.48 -7.14
C LYS A 20 -3.07 -4.43 -6.55
N LYS A 21 -2.75 -5.71 -6.52
CA LYS A 21 -3.62 -6.72 -5.90
C LYS A 21 -3.74 -6.48 -4.40
N ALA A 22 -2.61 -6.24 -3.75
CA ALA A 22 -2.58 -5.98 -2.32
C ALA A 22 -3.33 -4.69 -1.99
N TYR A 23 -3.20 -3.72 -2.87
CA TYR A 23 -3.95 -2.48 -2.73
C TYR A 23 -5.45 -2.73 -2.85
N ARG A 24 -5.85 -3.51 -3.85
CA ARG A 24 -7.26 -3.75 -4.09
C ARG A 24 -7.90 -4.58 -2.98
N ARG A 25 -7.17 -5.55 -2.42
CA ARG A 25 -7.72 -6.36 -1.35
C ARG A 25 -7.92 -5.53 -0.09
N LYS A 26 -6.95 -4.67 0.18
CA LYS A 26 -7.00 -3.79 1.33
C LYS A 26 -8.09 -2.74 1.13
N ALA A 27 -8.12 -2.21 -0.08
CA ALA A 27 -9.15 -1.24 -0.48
C ALA A 27 -10.55 -1.81 -0.31
N LEU A 28 -10.73 -3.06 -0.74
CA LEU A 28 -12.03 -3.72 -0.67
C LEU A 28 -12.50 -3.84 0.77
N GLN A 29 -11.60 -4.29 1.65
CA GLN A 29 -11.94 -4.51 3.05
C GLN A 29 -12.34 -3.20 3.73
N TRP A 30 -11.76 -2.11 3.28
CA TRP A 30 -12.04 -0.79 3.88
C TRP A 30 -12.91 0.05 2.96
N HIS A 31 -13.60 -0.59 2.02
CA HIS A 31 -14.57 0.11 1.19
C HIS A 31 -15.91 0.19 1.91
N PRO A 32 -16.63 1.31 1.74
CA PRO A 32 -17.96 1.52 2.33
C PRO A 32 -18.94 0.41 1.96
N ASP A 33 -18.68 -0.21 0.80
CA ASP A 33 -19.44 -1.35 0.35
C ASP A 33 -19.36 -2.52 1.35
N LYS A 34 -18.22 -2.63 2.01
CA LYS A 34 -17.96 -3.76 2.90
C LYS A 34 -17.85 -3.31 4.35
N ASN A 35 -17.38 -2.09 4.56
CA ASN A 35 -17.20 -1.53 5.90
C ASN A 35 -18.37 -0.58 6.18
N PRO A 36 -18.99 -0.70 7.38
CA PRO A 36 -20.28 -0.05 7.67
C PRO A 36 -20.22 1.47 7.90
N ASP A 37 -20.54 1.91 9.12
CA ASP A 37 -20.83 3.31 9.37
C ASP A 37 -19.57 4.12 9.67
N ASN A 38 -18.44 3.46 9.80
CA ASN A 38 -17.20 4.18 9.96
C ASN A 38 -16.44 4.19 8.64
N LYS A 39 -16.57 5.29 7.91
CA LYS A 39 -15.98 5.40 6.60
C LYS A 39 -14.72 6.27 6.63
N GLU A 40 -14.61 7.14 7.62
CA GLU A 40 -13.46 8.03 7.70
C GLU A 40 -12.18 7.24 7.96
N PHE A 41 -12.29 6.25 8.84
CA PHE A 41 -11.16 5.37 9.14
C PHE A 41 -10.83 4.53 7.92
N ALA A 42 -11.87 4.12 7.21
CA ALA A 42 -11.72 3.33 6.00
C ALA A 42 -11.05 4.13 4.89
N GLU A 43 -11.48 5.38 4.72
CA GLU A 43 -10.89 6.24 3.69
C GLU A 43 -9.44 6.59 4.05
N LYS A 44 -9.16 6.77 5.34
CA LYS A 44 -7.80 6.99 5.80
C LYS A 44 -6.92 5.80 5.45
N LYS A 45 -7.45 4.59 5.60
CA LYS A 45 -6.72 3.39 5.25
C LYS A 45 -6.61 3.25 3.74
N PHE A 46 -7.66 3.67 3.04
CA PHE A 46 -7.65 3.72 1.59
C PHE A 46 -6.56 4.68 1.11
N LYS A 47 -6.42 5.79 1.81
CA LYS A 47 -5.36 6.75 1.54
C LYS A 47 -4.00 6.13 1.83
N GLU A 48 -3.91 5.39 2.93
CA GLU A 48 -2.65 4.77 3.34
C GLU A 48 -2.18 3.75 2.33
N VAL A 49 -3.08 2.94 1.82
CA VAL A 49 -2.71 1.95 0.81
C VAL A 49 -2.39 2.65 -0.52
N ALA A 50 -3.16 3.68 -0.85
CA ALA A 50 -2.95 4.41 -2.10
C ALA A 50 -1.56 5.03 -2.16
N GLU A 51 -1.15 5.68 -1.08
CA GLU A 51 0.15 6.34 -1.03
C GLU A 51 1.28 5.32 -0.98
N ALA A 52 1.10 4.31 -0.15
CA ALA A 52 2.15 3.33 0.09
C ALA A 52 2.34 2.42 -1.11
N TYR A 53 1.24 2.02 -1.73
CA TYR A 53 1.30 1.16 -2.90
C TYR A 53 1.86 1.94 -4.09
N GLU A 54 1.54 3.24 -4.14
CA GLU A 54 2.05 4.12 -5.18
C GLU A 54 3.57 4.18 -5.14
N VAL A 55 4.12 4.26 -3.94
CA VAL A 55 5.58 4.27 -3.75
C VAL A 55 6.17 2.91 -4.10
N LEU A 56 5.53 1.86 -3.61
CA LEU A 56 6.02 0.50 -3.78
C LEU A 56 5.87 0.00 -5.22
N SER A 57 5.04 0.65 -6.02
CA SER A 57 4.85 0.24 -7.41
C SER A 57 5.92 0.81 -8.33
N ASP A 58 6.62 1.84 -7.86
CA ASP A 58 7.61 2.52 -8.71
C ASP A 58 9.03 2.23 -8.24
N LYS A 59 9.83 1.70 -9.16
CA LYS A 59 11.21 1.32 -8.87
C LYS A 59 12.07 2.49 -8.44
N HIS A 60 11.84 3.63 -9.04
CA HIS A 60 12.54 4.86 -8.71
C HIS A 60 12.19 5.29 -7.29
N LYS A 61 10.94 5.15 -6.93
CA LYS A 61 10.48 5.46 -5.61
C LYS A 61 11.00 4.44 -4.60
N ARG A 62 11.13 3.19 -5.04
CA ARG A 62 11.69 2.14 -4.19
C ARG A 62 13.14 2.44 -3.82
N GLU A 63 13.95 2.82 -4.82
CA GLU A 63 15.36 3.07 -4.57
C GLU A 63 15.55 4.36 -3.78
N ILE A 64 14.70 5.35 -4.03
CA ILE A 64 14.71 6.59 -3.25
C ILE A 64 14.34 6.29 -1.80
N TYR A 65 13.34 5.45 -1.60
CA TYR A 65 12.93 5.06 -0.26
C TYR A 65 14.04 4.26 0.41
N ASP A 66 14.72 3.43 -0.38
CA ASP A 66 15.79 2.57 0.13
C ASP A 66 16.96 3.38 0.68
N ARG A 67 17.42 4.37 -0.09
CA ARG A 67 18.54 5.18 0.35
C ARG A 67 18.11 6.39 1.18
N TYR A 68 17.14 7.15 0.70
CA TYR A 68 16.83 8.44 1.28
C TYR A 68 15.71 8.34 2.32
N GLY A 69 15.08 7.18 2.37
CA GLY A 69 14.05 6.96 3.35
C GLY A 69 14.64 6.63 4.71
N ARG A 70 15.56 5.69 4.69
CA ARG A 70 16.23 5.22 5.90
C ARG A 70 17.12 6.29 6.53
N GLU A 71 17.61 7.24 5.72
CA GLU A 71 18.46 8.32 6.23
C GLU A 71 17.73 9.14 7.30
N MET A 1 10.84 -11.83 5.00
CA MET A 1 10.34 -10.74 5.87
C MET A 1 10.26 -9.46 5.06
N ALA A 2 9.30 -8.60 5.38
CA ALA A 2 9.16 -7.31 4.71
C ALA A 2 8.14 -6.44 5.42
N SER A 3 8.40 -5.14 5.42
CA SER A 3 7.47 -4.17 5.98
C SER A 3 6.38 -3.88 4.96
N TYR A 4 6.61 -4.32 3.72
CA TYR A 4 5.62 -4.18 2.67
C TYR A 4 4.43 -5.10 2.95
N TYR A 5 4.72 -6.15 3.69
CA TYR A 5 3.71 -7.11 4.12
C TYR A 5 2.65 -6.39 4.94
N GLU A 6 3.10 -5.46 5.78
CA GLU A 6 2.20 -4.68 6.62
C GLU A 6 1.42 -3.65 5.82
N ILE A 7 2.10 -2.94 4.91
CA ILE A 7 1.49 -1.83 4.22
C ILE A 7 0.47 -2.30 3.19
N LEU A 8 0.79 -3.35 2.46
CA LEU A 8 -0.15 -3.94 1.51
C LEU A 8 -0.73 -5.21 2.07
N ASP A 9 0.11 -6.25 2.04
CA ASP A 9 -0.28 -7.61 2.44
C ASP A 9 0.82 -8.59 2.03
N VAL A 10 1.51 -8.25 0.95
CA VAL A 10 2.54 -9.10 0.38
C VAL A 10 3.90 -8.37 0.35
N PRO A 11 5.00 -9.13 0.37
CA PRO A 11 6.35 -8.58 0.33
C PRO A 11 6.79 -8.20 -1.08
N ARG A 12 8.02 -7.71 -1.21
CA ARG A 12 8.55 -7.25 -2.49
C ARG A 12 8.88 -8.43 -3.41
N SER A 13 8.99 -9.59 -2.81
CA SER A 13 9.21 -10.82 -3.57
C SER A 13 7.99 -11.14 -4.43
N ALA A 14 6.83 -10.63 -4.04
CA ALA A 14 5.61 -10.81 -4.79
C ALA A 14 5.64 -9.95 -6.05
N SER A 15 5.04 -10.46 -7.12
CA SER A 15 5.10 -9.78 -8.41
C SER A 15 4.31 -8.47 -8.37
N ALA A 16 4.60 -7.57 -9.30
CA ALA A 16 3.92 -6.28 -9.36
C ALA A 16 2.41 -6.45 -9.36
N ASP A 17 1.95 -7.49 -10.04
CA ASP A 17 0.54 -7.82 -10.11
C ASP A 17 -0.02 -8.10 -8.72
N ASP A 18 0.75 -8.81 -7.91
CA ASP A 18 0.37 -9.12 -6.54
C ASP A 18 0.22 -7.85 -5.72
N ILE A 19 1.17 -6.94 -5.88
CA ILE A 19 1.14 -5.65 -5.20
C ILE A 19 -0.12 -4.87 -5.60
N LYS A 20 -0.39 -4.82 -6.90
CA LYS A 20 -1.59 -4.17 -7.41
C LYS A 20 -2.84 -4.84 -6.84
N LYS A 21 -2.83 -6.17 -6.77
CA LYS A 21 -3.96 -6.89 -6.21
C LYS A 21 -4.06 -6.70 -4.70
N ALA A 22 -2.93 -6.60 -4.04
CA ALA A 22 -2.89 -6.26 -2.62
C ALA A 22 -3.53 -4.89 -2.40
N TYR A 23 -3.20 -3.98 -3.30
CA TYR A 23 -3.78 -2.65 -3.30
C TYR A 23 -5.27 -2.69 -3.61
N ARG A 24 -5.66 -3.49 -4.59
CA ARG A 24 -7.06 -3.65 -4.94
C ARG A 24 -7.87 -4.24 -3.78
N ARG A 25 -7.30 -5.21 -3.09
CA ARG A 25 -7.92 -5.78 -1.91
C ARG A 25 -7.96 -4.76 -0.76
N LYS A 26 -6.85 -4.07 -0.57
CA LYS A 26 -6.77 -3.01 0.41
C LYS A 26 -7.78 -1.91 0.09
N ALA A 27 -7.95 -1.62 -1.19
CA ALA A 27 -8.95 -0.67 -1.65
C ALA A 27 -10.36 -1.12 -1.27
N LEU A 28 -10.61 -2.42 -1.43
CA LEU A 28 -11.88 -3.01 -1.08
C LEU A 28 -12.18 -2.80 0.40
N GLN A 29 -11.13 -2.84 1.22
CA GLN A 29 -11.26 -2.72 2.67
C GLN A 29 -11.89 -1.39 3.08
N TRP A 30 -11.61 -0.32 2.33
CA TRP A 30 -12.17 0.98 2.67
C TRP A 30 -13.29 1.39 1.71
N HIS A 31 -13.68 0.47 0.84
CA HIS A 31 -14.80 0.70 -0.06
C HIS A 31 -16.11 0.60 0.71
N PRO A 32 -17.11 1.40 0.30
CA PRO A 32 -18.43 1.48 0.98
C PRO A 32 -19.10 0.13 1.11
N ASP A 33 -18.79 -0.74 0.17
CA ASP A 33 -19.34 -2.08 0.13
C ASP A 33 -18.79 -2.93 1.28
N LYS A 34 -17.60 -2.58 1.78
CA LYS A 34 -16.97 -3.34 2.85
C LYS A 34 -16.74 -2.51 4.12
N ASN A 35 -16.93 -1.20 4.04
CA ASN A 35 -16.80 -0.36 5.23
C ASN A 35 -18.19 0.05 5.71
N PRO A 36 -18.44 -0.05 7.03
CA PRO A 36 -19.73 0.25 7.64
C PRO A 36 -19.80 1.67 8.21
N ASP A 37 -19.89 1.77 9.53
CA ASP A 37 -20.01 3.06 10.21
C ASP A 37 -18.63 3.66 10.44
N ASN A 38 -17.61 2.87 10.13
CA ASN A 38 -16.23 3.26 10.39
C ASN A 38 -15.66 4.00 9.20
N LYS A 39 -15.60 5.32 9.31
CA LYS A 39 -15.13 6.16 8.22
C LYS A 39 -13.66 6.50 8.42
N GLU A 40 -13.25 6.56 9.69
CA GLU A 40 -11.86 6.84 10.04
C GLU A 40 -10.95 5.77 9.44
N PHE A 41 -11.36 4.53 9.57
CA PHE A 41 -10.59 3.41 9.04
C PHE A 41 -10.52 3.48 7.52
N ALA A 42 -11.63 3.88 6.90
CA ALA A 42 -11.69 3.97 5.44
C ALA A 42 -10.70 5.00 4.90
N GLU A 43 -10.62 6.16 5.53
CA GLU A 43 -9.68 7.19 5.09
C GLU A 43 -8.24 6.78 5.39
N LYS A 44 -8.03 6.13 6.54
CA LYS A 44 -6.71 5.65 6.91
C LYS A 44 -6.21 4.58 5.94
N LYS A 45 -7.09 3.64 5.62
CA LYS A 45 -6.74 2.57 4.69
C LYS A 45 -6.53 3.14 3.30
N PHE A 46 -7.32 4.16 2.97
CA PHE A 46 -7.19 4.86 1.69
C PHE A 46 -5.79 5.48 1.54
N LYS A 47 -5.35 6.22 2.55
CA LYS A 47 -4.06 6.90 2.46
C LYS A 47 -2.92 5.89 2.50
N GLU A 48 -3.01 4.90 3.38
CA GLU A 48 -1.90 3.97 3.55
C GLU A 48 -1.69 3.14 2.29
N VAL A 49 -2.77 2.77 1.60
CA VAL A 49 -2.63 2.00 0.37
C VAL A 49 -2.10 2.89 -0.75
N ALA A 50 -2.56 4.12 -0.81
CA ALA A 50 -2.14 5.02 -1.88
C ALA A 50 -0.65 5.30 -1.82
N GLU A 51 -0.15 5.57 -0.63
CA GLU A 51 1.26 5.87 -0.43
C GLU A 51 2.11 4.61 -0.59
N ALA A 52 1.64 3.51 -0.02
CA ALA A 52 2.41 2.29 0.03
C ALA A 52 2.45 1.56 -1.30
N TYR A 53 1.30 1.51 -1.98
CA TYR A 53 1.23 0.87 -3.28
C TYR A 53 1.96 1.71 -4.31
N GLU A 54 1.89 3.03 -4.19
CA GLU A 54 2.59 3.90 -5.12
C GLU A 54 4.11 3.72 -4.99
N VAL A 55 4.62 3.78 -3.77
CA VAL A 55 6.06 3.71 -3.54
C VAL A 55 6.63 2.37 -4.01
N LEU A 56 5.94 1.29 -3.74
CA LEU A 56 6.41 -0.03 -4.12
C LEU A 56 6.27 -0.30 -5.63
N SER A 57 5.27 0.32 -6.25
CA SER A 57 5.05 0.14 -7.68
C SER A 57 5.91 1.09 -8.50
N ASP A 58 6.37 2.17 -7.87
CA ASP A 58 7.15 3.17 -8.57
C ASP A 58 8.63 3.03 -8.26
N LYS A 59 9.40 2.89 -9.33
CA LYS A 59 10.82 2.63 -9.23
C LYS A 59 11.50 3.86 -8.68
N HIS A 60 10.94 5.00 -9.01
CA HIS A 60 11.49 6.28 -8.55
C HIS A 60 11.28 6.47 -7.05
N LYS A 61 10.09 6.14 -6.57
CA LYS A 61 9.81 6.18 -5.15
C LYS A 61 10.67 5.14 -4.43
N ARG A 62 10.90 4.01 -5.11
CA ARG A 62 11.81 2.99 -4.63
C ARG A 62 13.21 3.57 -4.45
N GLU A 63 13.65 4.40 -5.39
CA GLU A 63 14.96 5.03 -5.30
C GLU A 63 15.06 5.92 -4.06
N ILE A 64 14.01 6.68 -3.79
CA ILE A 64 13.98 7.56 -2.64
C ILE A 64 13.95 6.75 -1.33
N TYR A 65 13.12 5.72 -1.30
CA TYR A 65 13.01 4.87 -0.11
C TYR A 65 14.31 4.10 0.10
N ASP A 66 14.94 3.72 -0.99
CA ASP A 66 16.17 2.94 -0.96
C ASP A 66 17.30 3.70 -0.30
N ARG A 67 17.47 4.96 -0.67
CA ARG A 67 18.58 5.75 -0.17
C ARG A 67 18.25 6.48 1.14
N TYR A 68 17.02 6.96 1.28
CA TYR A 68 16.67 7.80 2.41
C TYR A 68 15.91 7.02 3.49
N GLY A 69 15.87 5.70 3.34
CA GLY A 69 15.27 4.86 4.35
C GLY A 69 16.16 4.69 5.55
N ARG A 70 17.37 4.21 5.27
CA ARG A 70 18.37 4.02 6.31
C ARG A 70 18.86 5.35 6.90
N GLU A 71 18.96 6.37 6.05
CA GLU A 71 19.47 7.65 6.47
C GLU A 71 18.45 8.40 7.33
N MET A 1 16.74 -7.52 4.96
CA MET A 1 15.35 -7.24 5.38
C MET A 1 14.61 -6.48 4.29
N ALA A 2 13.29 -6.47 4.36
CA ALA A 2 12.48 -5.76 3.37
C ALA A 2 11.28 -5.09 4.03
N SER A 3 10.58 -5.88 4.86
CA SER A 3 9.43 -5.42 5.66
C SER A 3 8.28 -4.83 4.83
N TYR A 4 8.43 -4.81 3.50
CA TYR A 4 7.41 -4.24 2.63
C TYR A 4 6.14 -5.09 2.64
N TYR A 5 6.32 -6.37 2.90
CA TYR A 5 5.18 -7.27 3.06
C TYR A 5 4.39 -6.91 4.32
N GLU A 6 5.10 -6.42 5.33
CA GLU A 6 4.45 -5.99 6.57
C GLU A 6 3.72 -4.66 6.37
N ILE A 7 4.37 -3.72 5.69
CA ILE A 7 3.81 -2.39 5.49
C ILE A 7 2.64 -2.43 4.50
N LEU A 8 2.70 -3.32 3.52
CA LEU A 8 1.67 -3.40 2.51
C LEU A 8 0.68 -4.53 2.82
N ASP A 9 1.09 -5.75 2.49
CA ASP A 9 0.23 -6.92 2.65
C ASP A 9 0.91 -8.16 2.11
N VAL A 10 1.59 -7.99 0.97
CA VAL A 10 2.21 -9.11 0.28
C VAL A 10 3.71 -8.88 0.09
N PRO A 11 4.49 -9.97 0.04
CA PRO A 11 5.93 -9.90 -0.20
C PRO A 11 6.28 -9.35 -1.57
N ARG A 12 7.44 -8.71 -1.67
CA ARG A 12 7.82 -7.97 -2.88
C ARG A 12 8.19 -8.89 -4.02
N SER A 13 8.41 -10.16 -3.70
CA SER A 13 8.65 -11.18 -4.71
C SER A 13 7.44 -11.34 -5.63
N ALA A 14 6.28 -10.87 -5.16
CA ALA A 14 5.09 -10.83 -5.97
C ALA A 14 5.21 -9.72 -7.01
N SER A 15 4.64 -9.94 -8.19
CA SER A 15 4.75 -8.97 -9.27
C SER A 15 4.02 -7.68 -8.91
N ALA A 16 4.34 -6.60 -9.61
CA ALA A 16 3.70 -5.30 -9.37
C ALA A 16 2.18 -5.44 -9.42
N ASP A 17 1.71 -6.33 -10.28
CA ASP A 17 0.29 -6.63 -10.44
C ASP A 17 -0.27 -7.15 -9.13
N ASP A 18 0.48 -8.03 -8.48
CA ASP A 18 0.05 -8.66 -7.23
C ASP A 18 -0.02 -7.62 -6.11
N ILE A 19 0.98 -6.75 -6.07
CA ILE A 19 0.98 -5.63 -5.13
C ILE A 19 -0.23 -4.74 -5.38
N LYS A 20 -0.50 -4.48 -6.65
CA LYS A 20 -1.66 -3.71 -7.06
C LYS A 20 -2.95 -4.42 -6.64
N LYS A 21 -2.98 -5.75 -6.80
CA LYS A 21 -4.11 -6.57 -6.37
C LYS A 21 -4.32 -6.50 -4.86
N ALA A 22 -3.23 -6.52 -4.11
CA ALA A 22 -3.29 -6.40 -2.66
C ALA A 22 -3.93 -5.07 -2.27
N TYR A 23 -3.48 -4.00 -2.92
CA TYR A 23 -4.04 -2.68 -2.71
C TYR A 23 -5.51 -2.65 -3.11
N ARG A 24 -5.82 -3.17 -4.29
CA ARG A 24 -7.18 -3.23 -4.77
C ARG A 24 -8.10 -4.00 -3.84
N ARG A 25 -7.58 -5.09 -3.28
CA ARG A 25 -8.34 -5.88 -2.33
C ARG A 25 -8.73 -5.06 -1.11
N LYS A 26 -7.79 -4.27 -0.59
CA LYS A 26 -8.06 -3.40 0.54
C LYS A 26 -9.01 -2.29 0.12
N ALA A 27 -8.82 -1.83 -1.10
CA ALA A 27 -9.69 -0.82 -1.69
C ALA A 27 -11.14 -1.28 -1.64
N LEU A 28 -11.39 -2.52 -2.06
CA LEU A 28 -12.72 -3.11 -2.00
C LEU A 28 -13.12 -3.43 -0.56
N GLN A 29 -12.14 -3.84 0.23
CA GLN A 29 -12.34 -4.23 1.62
C GLN A 29 -12.84 -3.03 2.45
N TRP A 30 -12.32 -1.85 2.14
CA TRP A 30 -12.72 -0.62 2.82
C TRP A 30 -13.52 0.28 1.88
N HIS A 31 -14.07 -0.30 0.81
CA HIS A 31 -14.83 0.46 -0.16
C HIS A 31 -16.13 0.92 0.49
N PRO A 32 -16.66 2.11 0.15
CA PRO A 32 -17.76 2.73 0.91
C PRO A 32 -18.97 1.81 1.07
N ASP A 33 -19.22 0.99 0.06
CA ASP A 33 -20.34 0.05 0.12
C ASP A 33 -20.07 -1.07 1.12
N LYS A 34 -18.79 -1.31 1.40
CA LYS A 34 -18.39 -2.43 2.23
C LYS A 34 -17.75 -1.98 3.55
N ASN A 35 -17.80 -0.69 3.84
CA ASN A 35 -17.22 -0.21 5.09
C ASN A 35 -18.31 0.08 6.12
N PRO A 36 -18.03 -0.16 7.40
CA PRO A 36 -19.04 -0.06 8.47
C PRO A 36 -19.26 1.38 8.93
N ASP A 37 -19.02 1.64 10.22
CA ASP A 37 -19.28 2.96 10.78
C ASP A 37 -18.02 3.80 10.83
N ASN A 38 -16.89 3.17 10.53
CA ASN A 38 -15.63 3.90 10.49
C ASN A 38 -15.29 4.26 9.06
N LYS A 39 -15.55 5.50 8.69
CA LYS A 39 -15.18 6.01 7.38
C LYS A 39 -13.82 6.65 7.45
N GLU A 40 -13.51 7.21 8.62
CA GLU A 40 -12.22 7.82 8.87
C GLU A 40 -11.11 6.80 8.71
N PHE A 41 -11.36 5.63 9.27
CA PHE A 41 -10.39 4.55 9.20
C PHE A 41 -10.30 3.94 7.81
N ALA A 42 -11.44 3.83 7.13
CA ALA A 42 -11.47 3.25 5.79
C ALA A 42 -10.62 4.08 4.83
N GLU A 43 -10.79 5.39 4.87
CA GLU A 43 -10.00 6.28 4.02
C GLU A 43 -8.56 6.33 4.49
N LYS A 44 -8.35 6.32 5.81
CA LYS A 44 -7.00 6.37 6.37
C LYS A 44 -6.19 5.15 5.92
N LYS A 45 -6.81 3.97 6.00
CA LYS A 45 -6.17 2.73 5.59
C LYS A 45 -5.94 2.74 4.08
N PHE A 46 -6.90 3.31 3.37
CA PHE A 46 -6.83 3.43 1.91
C PHE A 46 -5.65 4.30 1.51
N LYS A 47 -5.42 5.38 2.25
CA LYS A 47 -4.31 6.27 1.98
C LYS A 47 -2.97 5.58 2.22
N GLU A 48 -2.90 4.82 3.31
CA GLU A 48 -1.66 4.14 3.67
C GLU A 48 -1.27 3.11 2.62
N VAL A 49 -2.23 2.33 2.16
CA VAL A 49 -1.95 1.32 1.14
C VAL A 49 -1.68 1.97 -0.22
N ALA A 50 -2.43 3.03 -0.53
CA ALA A 50 -2.28 3.71 -1.81
C ALA A 50 -0.88 4.26 -1.98
N GLU A 51 -0.35 4.90 -0.94
CA GLU A 51 0.98 5.48 -1.00
C GLU A 51 2.05 4.39 -0.99
N ALA A 52 1.82 3.37 -0.16
CA ALA A 52 2.80 2.32 0.05
C ALA A 52 2.91 1.40 -1.15
N TYR A 53 1.77 1.10 -1.77
CA TYR A 53 1.75 0.27 -2.96
C TYR A 53 2.36 1.03 -4.13
N GLU A 54 2.02 2.32 -4.21
CA GLU A 54 2.52 3.17 -5.28
C GLU A 54 4.04 3.30 -5.22
N VAL A 55 4.56 3.60 -4.04
CA VAL A 55 6.00 3.80 -3.87
C VAL A 55 6.77 2.49 -4.11
N LEU A 56 6.21 1.37 -3.66
CA LEU A 56 6.84 0.07 -3.83
C LEU A 56 6.77 -0.41 -5.28
N SER A 57 5.76 0.06 -6.00
CA SER A 57 5.58 -0.33 -7.39
C SER A 57 6.47 0.48 -8.33
N ASP A 58 6.94 1.62 -7.87
CA ASP A 58 7.73 2.51 -8.72
C ASP A 58 9.19 2.52 -8.27
N LYS A 59 10.08 2.16 -9.18
CA LYS A 59 11.49 2.02 -8.86
C LYS A 59 12.12 3.35 -8.50
N HIS A 60 11.67 4.42 -9.14
CA HIS A 60 12.21 5.75 -8.87
C HIS A 60 11.75 6.23 -7.50
N LYS A 61 10.49 5.97 -7.18
CA LYS A 61 9.93 6.33 -5.88
C LYS A 61 10.64 5.56 -4.79
N ARG A 62 11.02 4.32 -5.11
CA ARG A 62 11.82 3.51 -4.22
C ARG A 62 13.16 4.19 -3.92
N GLU A 63 13.78 4.74 -4.96
CA GLU A 63 15.03 5.47 -4.78
C GLU A 63 14.82 6.66 -3.85
N ILE A 64 13.73 7.38 -4.09
CA ILE A 64 13.44 8.59 -3.33
C ILE A 64 13.11 8.26 -1.89
N TYR A 65 12.27 7.27 -1.68
CA TYR A 65 11.84 6.91 -0.34
C TYR A 65 13.02 6.40 0.49
N ASP A 66 13.92 5.70 -0.18
CA ASP A 66 15.03 5.04 0.50
C ASP A 66 16.03 6.06 1.01
N ARG A 67 16.38 7.04 0.17
CA ARG A 67 17.35 8.04 0.57
C ARG A 67 16.72 9.21 1.32
N TYR A 68 15.45 9.49 1.07
CA TYR A 68 14.78 10.66 1.64
C TYR A 68 14.13 10.27 2.96
N GLY A 69 14.44 9.08 3.42
CA GLY A 69 14.02 8.66 4.73
C GLY A 69 15.03 9.02 5.78
N ARG A 70 16.28 8.66 5.50
CA ARG A 70 17.40 8.92 6.39
C ARG A 70 17.67 10.41 6.55
N GLU A 71 17.70 11.13 5.43
CA GLU A 71 17.96 12.57 5.48
C GLU A 71 16.75 13.32 6.02
N MET A 1 15.38 -5.86 4.20
CA MET A 1 14.91 -4.53 4.64
C MET A 1 14.01 -3.90 3.59
N ALA A 2 12.76 -3.65 3.98
CA ALA A 2 11.77 -3.05 3.10
C ALA A 2 10.51 -2.70 3.88
N SER A 3 10.04 -3.69 4.64
CA SER A 3 8.88 -3.54 5.53
C SER A 3 7.57 -3.36 4.75
N TYR A 4 7.67 -3.23 3.43
CA TYR A 4 6.49 -3.02 2.59
C TYR A 4 5.54 -4.21 2.66
N TYR A 5 6.08 -5.39 2.89
CA TYR A 5 5.27 -6.58 3.07
C TYR A 5 4.39 -6.46 4.31
N GLU A 6 4.91 -5.80 5.34
CA GLU A 6 4.16 -5.56 6.56
C GLU A 6 3.13 -4.45 6.38
N ILE A 7 3.53 -3.37 5.72
CA ILE A 7 2.63 -2.23 5.55
C ILE A 7 1.47 -2.58 4.62
N LEU A 8 1.76 -3.36 3.58
CA LEU A 8 0.72 -3.85 2.69
C LEU A 8 0.38 -5.29 3.03
N ASP A 9 1.02 -6.23 2.34
CA ASP A 9 0.84 -7.65 2.59
C ASP A 9 1.73 -8.48 1.67
N VAL A 10 2.18 -7.88 0.58
CA VAL A 10 3.07 -8.55 -0.37
C VAL A 10 4.41 -7.83 -0.46
N PRO A 11 5.49 -8.57 -0.76
CA PRO A 11 6.82 -8.03 -0.89
C PRO A 11 7.19 -7.69 -2.34
N ARG A 12 8.42 -7.21 -2.53
CA ARG A 12 8.89 -6.82 -3.85
C ARG A 12 8.97 -8.01 -4.81
N SER A 13 9.16 -9.19 -4.25
CA SER A 13 9.33 -10.41 -5.03
C SER A 13 8.09 -10.76 -5.86
N ALA A 14 6.94 -10.22 -5.48
CA ALA A 14 5.71 -10.44 -6.20
C ALA A 14 5.63 -9.55 -7.42
N SER A 15 5.01 -10.05 -8.48
CA SER A 15 4.77 -9.28 -9.69
C SER A 15 4.12 -7.94 -9.34
N ALA A 16 4.52 -6.88 -10.04
CA ALA A 16 3.96 -5.55 -9.83
C ALA A 16 2.44 -5.57 -9.98
N ASP A 17 1.96 -6.43 -10.86
CA ASP A 17 0.53 -6.64 -11.02
C ASP A 17 -0.08 -7.25 -9.77
N ASP A 18 0.69 -8.11 -9.10
CA ASP A 18 0.26 -8.76 -7.86
C ASP A 18 0.15 -7.73 -6.74
N ILE A 19 1.15 -6.86 -6.66
CA ILE A 19 1.10 -5.74 -5.71
C ILE A 19 -0.10 -4.86 -6.01
N LYS A 20 -0.38 -4.67 -7.30
CA LYS A 20 -1.53 -3.91 -7.73
C LYS A 20 -2.81 -4.62 -7.31
N LYS A 21 -2.79 -5.95 -7.34
CA LYS A 21 -3.91 -6.75 -6.83
C LYS A 21 -4.07 -6.52 -5.34
N ALA A 22 -2.94 -6.51 -4.63
CA ALA A 22 -2.93 -6.28 -3.20
C ALA A 22 -3.53 -4.92 -2.89
N TYR A 23 -3.13 -3.91 -3.66
CA TYR A 23 -3.69 -2.57 -3.53
C TYR A 23 -5.19 -2.56 -3.81
N ARG A 24 -5.61 -3.27 -4.85
CA ARG A 24 -7.02 -3.27 -5.23
C ARG A 24 -7.87 -3.95 -4.17
N ARG A 25 -7.42 -5.09 -3.65
CA ARG A 25 -8.16 -5.76 -2.59
C ARG A 25 -8.08 -4.95 -1.30
N LYS A 26 -6.96 -4.27 -1.11
CA LYS A 26 -6.77 -3.35 0.01
C LYS A 26 -7.80 -2.23 -0.06
N ALA A 27 -7.98 -1.72 -1.26
CA ALA A 27 -8.94 -0.68 -1.54
C ALA A 27 -10.38 -1.16 -1.35
N LEU A 28 -10.69 -2.32 -1.92
CA LEU A 28 -12.04 -2.87 -1.89
C LEU A 28 -12.44 -3.31 -0.48
N GLN A 29 -11.49 -3.83 0.27
CA GLN A 29 -11.75 -4.32 1.62
C GLN A 29 -12.23 -3.18 2.52
N TRP A 30 -11.62 -2.01 2.36
CA TRP A 30 -11.94 -0.87 3.22
C TRP A 30 -12.72 0.18 2.44
N HIS A 31 -13.29 -0.25 1.33
CA HIS A 31 -14.07 0.63 0.48
C HIS A 31 -15.40 0.95 1.17
N PRO A 32 -15.85 2.22 1.09
CA PRO A 32 -16.99 2.74 1.85
C PRO A 32 -18.28 1.96 1.69
N ASP A 33 -18.49 1.39 0.50
CA ASP A 33 -19.69 0.60 0.24
C ASP A 33 -19.64 -0.73 1.01
N LYS A 34 -18.42 -1.21 1.24
CA LYS A 34 -18.21 -2.44 2.00
C LYS A 34 -17.78 -2.13 3.43
N ASN A 35 -17.87 -0.85 3.79
CA ASN A 35 -17.49 -0.39 5.11
C ASN A 35 -18.73 -0.12 5.95
N PRO A 36 -18.75 -0.59 7.21
CA PRO A 36 -19.90 -0.43 8.10
C PRO A 36 -19.95 0.93 8.80
N ASP A 37 -19.72 0.95 10.11
CA ASP A 37 -19.91 2.18 10.88
C ASP A 37 -18.62 2.93 11.10
N ASN A 38 -17.50 2.30 10.80
CA ASN A 38 -16.20 2.94 11.05
C ASN A 38 -15.55 3.35 9.75
N LYS A 39 -15.64 4.64 9.43
CA LYS A 39 -15.10 5.16 8.19
C LYS A 39 -13.73 5.80 8.43
N GLU A 40 -13.45 6.12 9.69
CA GLU A 40 -12.21 6.77 10.06
C GLU A 40 -11.00 5.94 9.68
N PHE A 41 -11.05 4.66 10.00
CA PHE A 41 -9.95 3.78 9.66
C PHE A 41 -9.95 3.51 8.15
N ALA A 42 -11.14 3.40 7.56
CA ALA A 42 -11.28 3.11 6.13
C ALA A 42 -10.61 4.19 5.29
N GLU A 43 -10.83 5.46 5.63
CA GLU A 43 -10.26 6.56 4.86
C GLU A 43 -8.75 6.63 5.04
N LYS A 44 -8.27 6.37 6.26
CA LYS A 44 -6.83 6.31 6.50
C LYS A 44 -6.20 5.11 5.81
N LYS A 45 -6.92 4.00 5.79
CA LYS A 45 -6.46 2.80 5.11
C LYS A 45 -6.35 3.05 3.62
N PHE A 46 -7.25 3.88 3.10
CA PHE A 46 -7.21 4.30 1.71
C PHE A 46 -5.99 5.19 1.46
N LYS A 47 -5.72 6.08 2.41
CA LYS A 47 -4.57 6.98 2.30
C LYS A 47 -3.25 6.22 2.24
N GLU A 48 -3.10 5.26 3.15
CA GLU A 48 -1.86 4.51 3.25
C GLU A 48 -1.63 3.65 2.01
N VAL A 49 -2.68 2.96 1.54
CA VAL A 49 -2.51 2.09 0.39
C VAL A 49 -2.16 2.88 -0.87
N ALA A 50 -2.76 4.05 -1.02
CA ALA A 50 -2.52 4.84 -2.23
C ALA A 50 -1.05 5.25 -2.32
N GLU A 51 -0.51 5.76 -1.21
CA GLU A 51 0.88 6.21 -1.21
C GLU A 51 1.84 5.02 -1.21
N ALA A 52 1.51 4.00 -0.42
CA ALA A 52 2.39 2.87 -0.21
C ALA A 52 2.43 1.95 -1.41
N TYR A 53 1.30 1.79 -2.09
CA TYR A 53 1.25 0.98 -3.29
C TYR A 53 2.02 1.69 -4.40
N GLU A 54 1.81 2.99 -4.51
CA GLU A 54 2.49 3.80 -5.52
C GLU A 54 4.01 3.68 -5.37
N VAL A 55 4.50 3.85 -4.15
CA VAL A 55 5.94 3.80 -3.91
C VAL A 55 6.48 2.38 -4.09
N LEU A 56 5.76 1.38 -3.60
CA LEU A 56 6.24 0.00 -3.66
C LEU A 56 6.14 -0.58 -5.07
N SER A 57 5.18 -0.12 -5.86
CA SER A 57 4.97 -0.66 -7.19
C SER A 57 5.98 -0.09 -8.18
N ASP A 58 6.61 1.02 -7.80
CA ASP A 58 7.60 1.65 -8.66
C ASP A 58 8.98 1.54 -8.04
N LYS A 59 9.93 1.03 -8.81
CA LYS A 59 11.27 0.78 -8.31
C LYS A 59 12.01 2.06 -7.96
N HIS A 60 11.77 3.10 -8.74
CA HIS A 60 12.43 4.39 -8.53
C HIS A 60 11.96 5.05 -7.24
N LYS A 61 10.66 4.95 -6.98
CA LYS A 61 10.07 5.53 -5.77
C LYS A 61 10.68 4.90 -4.53
N ARG A 62 10.83 3.58 -4.56
CA ARG A 62 11.43 2.84 -3.44
C ARG A 62 12.85 3.32 -3.19
N GLU A 63 13.61 3.47 -4.27
CA GLU A 63 14.98 3.94 -4.20
C GLU A 63 15.03 5.35 -3.61
N ILE A 64 14.08 6.18 -3.99
CA ILE A 64 14.00 7.55 -3.48
C ILE A 64 13.70 7.55 -1.99
N TYR A 65 12.76 6.72 -1.57
CA TYR A 65 12.39 6.64 -0.15
C TYR A 65 13.60 6.19 0.68
N ASP A 66 14.37 5.26 0.13
CA ASP A 66 15.53 4.72 0.83
C ASP A 66 16.61 5.78 1.05
N ARG A 67 16.90 6.56 0.02
CA ARG A 67 17.96 7.56 0.09
C ARG A 67 17.50 8.86 0.77
N TYR A 68 16.22 9.18 0.67
CA TYR A 68 15.73 10.46 1.17
C TYR A 68 15.22 10.31 2.61
N GLY A 69 15.14 9.07 3.08
CA GLY A 69 14.70 8.81 4.44
C GLY A 69 15.47 9.60 5.46
N ARG A 70 16.79 9.52 5.36
CA ARG A 70 17.69 10.20 6.29
C ARG A 70 17.60 11.72 6.16
N GLU A 71 17.26 12.22 4.98
CA GLU A 71 17.15 13.65 4.75
C GLU A 71 15.82 14.19 5.26
N MET A 1 15.34 0.03 4.52
CA MET A 1 14.17 -0.79 4.92
C MET A 1 12.90 -0.18 4.33
N ALA A 2 12.03 -1.05 3.83
CA ALA A 2 10.80 -0.58 3.20
C ALA A 2 9.56 -0.93 4.02
N SER A 3 9.59 -2.08 4.69
CA SER A 3 8.43 -2.59 5.40
C SER A 3 7.26 -2.80 4.43
N TYR A 4 7.60 -3.08 3.19
CA TYR A 4 6.63 -3.15 2.11
C TYR A 4 5.72 -4.36 2.27
N TYR A 5 6.28 -5.47 2.73
CA TYR A 5 5.48 -6.64 3.06
C TYR A 5 4.49 -6.31 4.18
N GLU A 6 4.91 -5.42 5.08
CA GLU A 6 4.08 -5.01 6.21
C GLU A 6 2.98 -4.05 5.77
N ILE A 7 3.34 -3.08 4.93
CA ILE A 7 2.45 -1.97 4.61
C ILE A 7 1.27 -2.39 3.75
N LEU A 8 1.49 -3.27 2.79
CA LEU A 8 0.42 -3.66 1.89
C LEU A 8 -0.25 -4.92 2.39
N ASP A 9 0.44 -6.04 2.21
CA ASP A 9 -0.11 -7.36 2.54
C ASP A 9 0.81 -8.46 2.03
N VAL A 10 1.59 -8.16 1.02
CA VAL A 10 2.36 -9.19 0.31
C VAL A 10 3.86 -8.93 0.42
N PRO A 11 4.65 -10.02 0.36
CA PRO A 11 6.11 -9.97 0.50
C PRO A 11 6.83 -9.82 -0.85
N ARG A 12 8.16 -9.77 -0.76
CA ARG A 12 9.03 -9.38 -1.89
C ARG A 12 8.89 -10.27 -3.11
N SER A 13 8.29 -11.44 -2.94
CA SER A 13 8.12 -12.39 -4.02
C SER A 13 6.93 -12.05 -4.91
N ALA A 14 6.14 -11.07 -4.50
CA ALA A 14 4.99 -10.63 -5.26
C ALA A 14 5.41 -9.70 -6.39
N SER A 15 4.85 -9.93 -7.58
CA SER A 15 5.12 -9.10 -8.74
C SER A 15 4.29 -7.83 -8.70
N ALA A 16 4.64 -6.86 -9.54
CA ALA A 16 4.04 -5.53 -9.50
C ALA A 16 2.51 -5.59 -9.54
N ASP A 17 1.96 -6.43 -10.42
CA ASP A 17 0.51 -6.56 -10.55
C ASP A 17 -0.11 -7.15 -9.29
N ASP A 18 0.62 -8.03 -8.61
CA ASP A 18 0.14 -8.63 -7.38
C ASP A 18 0.06 -7.57 -6.28
N ILE A 19 1.05 -6.70 -6.23
CA ILE A 19 1.03 -5.54 -5.33
C ILE A 19 -0.16 -4.66 -5.65
N LYS A 20 -0.40 -4.46 -6.93
CA LYS A 20 -1.55 -3.71 -7.41
C LYS A 20 -2.84 -4.29 -6.85
N LYS A 21 -2.93 -5.62 -6.87
CA LYS A 21 -4.09 -6.31 -6.33
C LYS A 21 -4.14 -6.19 -4.81
N ALA A 22 -2.99 -6.20 -4.17
CA ALA A 22 -2.90 -6.04 -2.72
C ALA A 22 -3.49 -4.70 -2.29
N TYR A 23 -3.16 -3.67 -3.06
CA TYR A 23 -3.72 -2.34 -2.83
C TYR A 23 -5.23 -2.34 -3.05
N ARG A 24 -5.67 -3.02 -4.11
CA ARG A 24 -7.10 -3.08 -4.43
C ARG A 24 -7.88 -3.90 -3.41
N ARG A 25 -7.37 -5.05 -3.01
CA ARG A 25 -8.08 -5.89 -2.05
C ARG A 25 -8.19 -5.21 -0.70
N LYS A 26 -7.16 -4.44 -0.36
CA LYS A 26 -7.14 -3.66 0.87
C LYS A 26 -8.15 -2.52 0.76
N ALA A 27 -8.14 -1.87 -0.40
CA ALA A 27 -9.10 -0.82 -0.70
C ALA A 27 -10.53 -1.31 -0.59
N LEU A 28 -10.80 -2.46 -1.21
CA LEU A 28 -12.14 -3.04 -1.21
C LEU A 28 -12.60 -3.39 0.21
N GLN A 29 -11.67 -3.86 1.02
CA GLN A 29 -11.97 -4.24 2.41
C GLN A 29 -12.43 -3.02 3.21
N TRP A 30 -11.94 -1.84 2.85
CA TRP A 30 -12.29 -0.63 3.58
C TRP A 30 -13.22 0.26 2.77
N HIS A 31 -13.85 -0.31 1.75
CA HIS A 31 -14.91 0.38 1.03
C HIS A 31 -16.22 0.22 1.78
N PRO A 32 -17.14 1.18 1.64
CA PRO A 32 -18.42 1.21 2.37
C PRO A 32 -19.24 -0.07 2.18
N ASP A 33 -19.02 -0.72 1.05
CA ASP A 33 -19.66 -2.00 0.77
C ASP A 33 -19.23 -3.08 1.79
N LYS A 34 -17.98 -3.00 2.24
CA LYS A 34 -17.44 -4.00 3.17
C LYS A 34 -17.29 -3.43 4.57
N ASN A 35 -17.01 -2.13 4.65
CA ASN A 35 -16.83 -1.44 5.92
C ASN A 35 -18.08 -0.61 6.22
N PRO A 36 -18.58 -0.66 7.47
CA PRO A 36 -19.89 -0.09 7.82
C PRO A 36 -19.95 1.44 7.83
N ASP A 37 -20.25 2.03 8.98
CA ASP A 37 -20.60 3.44 9.04
C ASP A 37 -19.39 4.32 9.36
N ASN A 38 -18.28 3.71 9.69
CA ASN A 38 -17.08 4.47 10.03
C ASN A 38 -16.23 4.64 8.78
N LYS A 39 -16.30 5.81 8.19
CA LYS A 39 -15.65 6.06 6.92
C LYS A 39 -14.28 6.69 7.13
N GLU A 40 -14.11 7.39 8.25
CA GLU A 40 -12.88 8.12 8.53
C GLU A 40 -11.68 7.20 8.53
N PHE A 41 -11.81 6.07 9.22
CA PHE A 41 -10.73 5.09 9.29
C PHE A 41 -10.58 4.35 7.97
N ALA A 42 -11.71 4.05 7.33
CA ALA A 42 -11.70 3.28 6.09
C ALA A 42 -10.96 4.04 4.99
N GLU A 43 -11.26 5.34 4.85
CA GLU A 43 -10.58 6.15 3.85
C GLU A 43 -9.13 6.38 4.25
N LYS A 44 -8.89 6.53 5.54
CA LYS A 44 -7.53 6.69 6.05
C LYS A 44 -6.66 5.52 5.65
N LYS A 45 -7.18 4.31 5.81
CA LYS A 45 -6.43 3.10 5.47
C LYS A 45 -6.21 3.04 3.97
N PHE A 46 -7.21 3.51 3.23
CA PHE A 46 -7.09 3.62 1.78
C PHE A 46 -6.01 4.62 1.41
N LYS A 47 -5.94 5.72 2.15
CA LYS A 47 -4.91 6.73 1.95
C LYS A 47 -3.53 6.17 2.31
N GLU A 48 -3.47 5.35 3.35
CA GLU A 48 -2.22 4.76 3.80
C GLU A 48 -1.63 3.86 2.71
N VAL A 49 -2.48 3.04 2.10
CA VAL A 49 -2.03 2.18 1.03
C VAL A 49 -1.77 2.98 -0.24
N ALA A 50 -2.58 3.98 -0.51
CA ALA A 50 -2.44 4.77 -1.74
C ALA A 50 -1.03 5.37 -1.84
N GLU A 51 -0.55 5.94 -0.75
CA GLU A 51 0.79 6.54 -0.72
C GLU A 51 1.87 5.47 -0.74
N ALA A 52 1.67 4.42 0.06
CA ALA A 52 2.65 3.37 0.21
C ALA A 52 2.75 2.51 -1.05
N TYR A 53 1.61 2.32 -1.70
CA TYR A 53 1.56 1.59 -2.96
C TYR A 53 2.18 2.43 -4.07
N GLU A 54 2.00 3.75 -3.98
CA GLU A 54 2.58 4.67 -4.95
C GLU A 54 4.11 4.57 -4.97
N VAL A 55 4.73 4.63 -3.80
CA VAL A 55 6.18 4.55 -3.71
C VAL A 55 6.67 3.17 -4.16
N LEU A 56 5.93 2.13 -3.80
CA LEU A 56 6.27 0.76 -4.18
C LEU A 56 5.99 0.51 -5.67
N SER A 57 5.17 1.37 -6.25
CA SER A 57 4.71 1.19 -7.63
C SER A 57 5.79 1.63 -8.62
N ASP A 58 6.69 2.48 -8.17
CA ASP A 58 7.77 2.96 -9.02
C ASP A 58 9.10 2.42 -8.52
N LYS A 59 9.82 1.75 -9.42
CA LYS A 59 11.05 1.05 -9.05
C LYS A 59 12.13 2.02 -8.61
N HIS A 60 12.15 3.17 -9.26
CA HIS A 60 13.09 4.22 -8.92
C HIS A 60 12.72 4.85 -7.58
N LYS A 61 11.43 5.05 -7.37
CA LYS A 61 10.93 5.60 -6.13
C LYS A 61 11.26 4.67 -4.96
N ARG A 62 11.21 3.37 -5.21
CA ARG A 62 11.51 2.36 -4.20
C ARG A 62 12.93 2.53 -3.65
N GLU A 63 13.90 2.71 -4.55
CA GLU A 63 15.29 2.83 -4.14
C GLU A 63 15.52 4.18 -3.47
N ILE A 64 14.80 5.21 -3.93
CA ILE A 64 14.89 6.54 -3.33
C ILE A 64 14.37 6.49 -1.89
N TYR A 65 13.25 5.82 -1.72
CA TYR A 65 12.64 5.65 -0.40
C TYR A 65 13.61 4.95 0.56
N ASP A 66 14.29 3.94 0.06
CA ASP A 66 15.16 3.13 0.89
C ASP A 66 16.45 3.88 1.27
N ARG A 67 17.08 4.54 0.30
CA ARG A 67 18.36 5.18 0.55
C ARG A 67 18.22 6.61 1.10
N TYR A 68 17.14 7.29 0.74
CA TYR A 68 16.95 8.68 1.16
C TYR A 68 16.12 8.73 2.42
N GLY A 69 15.59 7.58 2.83
CA GLY A 69 14.86 7.48 4.08
C GLY A 69 15.76 7.75 5.26
N ARG A 70 16.98 7.28 5.13
CA ARG A 70 18.03 7.47 6.13
C ARG A 70 18.33 8.96 6.36
N GLU A 71 18.08 9.77 5.34
CA GLU A 71 18.32 11.20 5.44
C GLU A 71 17.22 11.88 6.26
N MET A 1 16.38 -5.92 5.31
CA MET A 1 15.16 -6.75 5.10
C MET A 1 14.04 -5.89 4.55
N ALA A 2 13.58 -6.22 3.35
CA ALA A 2 12.50 -5.50 2.72
C ALA A 2 11.16 -6.00 3.21
N SER A 3 10.81 -5.63 4.45
CA SER A 3 9.56 -6.03 5.06
C SER A 3 8.37 -5.28 4.45
N TYR A 4 8.47 -4.97 3.17
CA TYR A 4 7.41 -4.25 2.47
C TYR A 4 6.17 -5.12 2.32
N TYR A 5 6.36 -6.43 2.36
CA TYR A 5 5.23 -7.36 2.38
C TYR A 5 4.32 -7.08 3.58
N GLU A 6 4.92 -6.64 4.68
CA GLU A 6 4.17 -6.30 5.88
C GLU A 6 3.41 -4.98 5.69
N ILE A 7 4.09 -3.99 5.12
CA ILE A 7 3.52 -2.65 4.99
C ILE A 7 2.41 -2.61 3.94
N LEU A 8 2.52 -3.45 2.93
CA LEU A 8 1.53 -3.49 1.86
C LEU A 8 0.52 -4.61 2.12
N ASP A 9 0.92 -5.84 1.78
CA ASP A 9 0.07 -7.02 1.91
C ASP A 9 0.79 -8.21 1.33
N VAL A 10 1.45 -7.97 0.20
CA VAL A 10 2.19 -9.02 -0.52
C VAL A 10 3.66 -8.64 -0.66
N PRO A 11 4.53 -9.64 -0.86
CA PRO A 11 5.98 -9.42 -1.01
C PRO A 11 6.35 -8.93 -2.41
N ARG A 12 7.53 -8.33 -2.51
CA ARG A 12 8.05 -7.78 -3.77
C ARG A 12 8.23 -8.88 -4.81
N SER A 13 8.37 -10.11 -4.34
CA SER A 13 8.54 -11.27 -5.21
C SER A 13 7.29 -11.53 -6.04
N ALA A 14 6.17 -10.95 -5.62
CA ALA A 14 4.92 -11.05 -6.35
C ALA A 14 4.99 -10.15 -7.59
N SER A 15 4.34 -10.58 -8.67
CA SER A 15 4.34 -9.84 -9.91
C SER A 15 3.77 -8.44 -9.71
N ALA A 16 4.11 -7.50 -10.58
CA ALA A 16 3.73 -6.11 -10.42
C ALA A 16 2.22 -5.96 -10.21
N ASP A 17 1.43 -6.71 -10.98
CA ASP A 17 -0.02 -6.67 -10.88
C ASP A 17 -0.48 -7.14 -9.50
N ASP A 18 0.23 -8.09 -8.92
CA ASP A 18 -0.11 -8.64 -7.61
C ASP A 18 -0.05 -7.56 -6.53
N ILE A 19 1.00 -6.75 -6.58
CA ILE A 19 1.14 -5.62 -5.67
C ILE A 19 -0.03 -4.65 -5.86
N LYS A 20 -0.34 -4.39 -7.12
CA LYS A 20 -1.45 -3.51 -7.47
C LYS A 20 -2.78 -4.14 -7.04
N LYS A 21 -2.88 -5.46 -7.17
CA LYS A 21 -4.06 -6.19 -6.73
C LYS A 21 -4.19 -6.17 -5.22
N ALA A 22 -3.07 -6.33 -4.52
CA ALA A 22 -3.07 -6.33 -3.07
C ALA A 22 -3.58 -5.00 -2.53
N TYR A 23 -3.11 -3.91 -3.12
CA TYR A 23 -3.59 -2.58 -2.78
C TYR A 23 -5.10 -2.48 -2.98
N ARG A 24 -5.58 -2.91 -4.14
CA ARG A 24 -7.00 -2.84 -4.45
C ARG A 24 -7.80 -3.79 -3.57
N ARG A 25 -7.20 -4.92 -3.23
CA ARG A 25 -7.84 -5.90 -2.36
C ARG A 25 -8.10 -5.34 -0.98
N LYS A 26 -7.09 -4.68 -0.42
CA LYS A 26 -7.20 -4.08 0.90
C LYS A 26 -8.12 -2.87 0.83
N ALA A 27 -7.96 -2.09 -0.24
CA ALA A 27 -8.85 -0.97 -0.53
C ALA A 27 -10.31 -1.44 -0.59
N LEU A 28 -10.54 -2.62 -1.13
CA LEU A 28 -11.87 -3.19 -1.21
C LEU A 28 -12.41 -3.59 0.15
N GLN A 29 -11.54 -4.10 1.01
CA GLN A 29 -11.93 -4.47 2.37
C GLN A 29 -12.39 -3.25 3.14
N TRP A 30 -11.75 -2.11 2.89
CA TRP A 30 -12.06 -0.88 3.60
C TRP A 30 -12.83 0.07 2.70
N HIS A 31 -13.42 -0.48 1.64
CA HIS A 31 -14.20 0.32 0.71
C HIS A 31 -15.52 0.72 1.38
N PRO A 32 -15.98 1.96 1.13
CA PRO A 32 -17.08 2.60 1.89
C PRO A 32 -18.37 1.78 1.92
N ASP A 33 -18.61 1.02 0.86
CA ASP A 33 -19.80 0.16 0.79
C ASP A 33 -19.66 -1.03 1.75
N LYS A 34 -18.44 -1.51 1.90
CA LYS A 34 -18.16 -2.62 2.79
C LYS A 34 -17.83 -2.11 4.19
N ASN A 35 -17.85 -0.79 4.33
CA ASN A 35 -17.49 -0.13 5.58
C ASN A 35 -18.77 0.33 6.29
N PRO A 36 -18.81 0.23 7.63
CA PRO A 36 -19.99 0.60 8.40
C PRO A 36 -20.16 2.12 8.52
N ASP A 37 -20.18 2.64 9.74
CA ASP A 37 -20.41 4.06 9.95
C ASP A 37 -19.12 4.82 10.20
N ASN A 38 -18.03 4.10 10.36
CA ASN A 38 -16.73 4.74 10.58
C ASN A 38 -15.89 4.67 9.32
N LYS A 39 -15.85 5.77 8.59
CA LYS A 39 -15.13 5.83 7.34
C LYS A 39 -13.75 6.43 7.55
N GLU A 40 -13.59 7.11 8.67
CA GLU A 40 -12.34 7.78 9.02
C GLU A 40 -11.14 6.82 8.94
N PHE A 41 -11.29 5.63 9.51
CA PHE A 41 -10.21 4.65 9.48
C PHE A 41 -10.08 4.04 8.09
N ALA A 42 -11.23 3.83 7.43
CA ALA A 42 -11.23 3.21 6.10
C ALA A 42 -10.48 4.06 5.09
N GLU A 43 -10.72 5.36 5.09
CA GLU A 43 -10.04 6.26 4.18
C GLU A 43 -8.57 6.39 4.56
N LYS A 44 -8.30 6.42 5.87
CA LYS A 44 -6.93 6.50 6.35
C LYS A 44 -6.12 5.30 5.87
N LYS A 45 -6.70 4.12 5.99
CA LYS A 45 -6.05 2.89 5.54
C LYS A 45 -5.90 2.90 4.04
N PHE A 46 -6.91 3.40 3.35
CA PHE A 46 -6.90 3.52 1.90
C PHE A 46 -5.73 4.39 1.46
N LYS A 47 -5.49 5.46 2.21
CA LYS A 47 -4.39 6.36 1.91
C LYS A 47 -3.04 5.68 2.16
N GLU A 48 -2.96 4.93 3.24
CA GLU A 48 -1.71 4.28 3.64
C GLU A 48 -1.27 3.27 2.59
N VAL A 49 -2.21 2.46 2.11
CA VAL A 49 -1.88 1.47 1.09
C VAL A 49 -1.63 2.15 -0.25
N ALA A 50 -2.39 3.18 -0.55
CA ALA A 50 -2.26 3.87 -1.83
C ALA A 50 -0.87 4.46 -2.02
N GLU A 51 -0.36 5.12 -0.99
CA GLU A 51 0.96 5.73 -1.07
C GLU A 51 2.04 4.66 -1.03
N ALA A 52 1.82 3.65 -0.19
CA ALA A 52 2.80 2.61 0.02
C ALA A 52 2.94 1.70 -1.19
N TYR A 53 1.82 1.43 -1.86
CA TYR A 53 1.86 0.64 -3.08
C TYR A 53 2.45 1.47 -4.22
N GLU A 54 2.13 2.76 -4.23
CA GLU A 54 2.62 3.68 -5.25
C GLU A 54 4.14 3.73 -5.24
N VAL A 55 4.71 3.88 -4.05
CA VAL A 55 6.16 3.93 -3.90
C VAL A 55 6.79 2.56 -4.18
N LEU A 56 6.12 1.49 -3.75
CA LEU A 56 6.67 0.14 -3.83
C LEU A 56 6.71 -0.37 -5.28
N SER A 57 5.79 0.09 -6.11
CA SER A 57 5.66 -0.43 -7.47
C SER A 57 6.72 0.17 -8.39
N ASP A 58 7.29 1.30 -7.99
CA ASP A 58 8.25 2.00 -8.84
C ASP A 58 9.64 1.97 -8.23
N LYS A 59 10.61 1.65 -9.07
CA LYS A 59 12.00 1.54 -8.64
C LYS A 59 12.54 2.89 -8.19
N HIS A 60 12.09 3.95 -8.84
CA HIS A 60 12.58 5.29 -8.55
C HIS A 60 12.09 5.73 -7.18
N LYS A 61 10.82 5.47 -6.91
CA LYS A 61 10.21 5.89 -5.66
C LYS A 61 10.82 5.19 -4.46
N ARG A 62 11.15 3.91 -4.62
CA ARG A 62 11.70 3.12 -3.51
C ARG A 62 13.06 3.65 -3.09
N GLU A 63 13.94 3.91 -4.06
CA GLU A 63 15.27 4.40 -3.74
C GLU A 63 15.22 5.85 -3.25
N ILE A 64 14.27 6.61 -3.77
CA ILE A 64 14.04 7.97 -3.28
C ILE A 64 13.54 7.93 -1.85
N TYR A 65 12.71 6.93 -1.55
CA TYR A 65 12.21 6.73 -0.19
C TYR A 65 13.37 6.43 0.76
N ASP A 66 14.36 5.70 0.28
CA ASP A 66 15.52 5.36 1.10
C ASP A 66 16.33 6.59 1.45
N ARG A 67 16.60 7.45 0.48
CA ARG A 67 17.41 8.64 0.71
C ARG A 67 16.61 9.81 1.28
N TYR A 68 15.45 10.11 0.69
CA TYR A 68 14.69 11.29 1.05
C TYR A 68 13.63 10.97 2.10
N GLY A 69 13.42 9.69 2.36
CA GLY A 69 12.45 9.29 3.36
C GLY A 69 12.99 9.41 4.76
N ARG A 70 14.14 8.80 4.97
CA ARG A 70 14.78 8.78 6.28
C ARG A 70 15.12 10.19 6.79
N GLU A 71 15.33 11.11 5.87
CA GLU A 71 15.69 12.47 6.22
C GLU A 71 14.45 13.27 6.64
N MET A 1 14.22 -6.80 6.16
CA MET A 1 13.84 -5.48 6.73
C MET A 1 12.95 -4.72 5.75
N ALA A 2 11.73 -5.21 5.58
CA ALA A 2 10.78 -4.58 4.67
C ALA A 2 9.36 -4.97 5.07
N SER A 3 8.65 -4.04 5.71
CA SER A 3 7.29 -4.29 6.16
C SER A 3 6.30 -4.09 5.00
N TYR A 4 6.74 -4.39 3.79
CA TYR A 4 5.94 -4.24 2.59
C TYR A 4 4.74 -5.18 2.64
N TYR A 5 4.94 -6.39 3.18
CA TYR A 5 3.85 -7.33 3.37
C TYR A 5 2.87 -6.82 4.42
N GLU A 6 3.39 -6.09 5.40
CA GLU A 6 2.55 -5.50 6.45
C GLU A 6 1.74 -4.32 5.92
N ILE A 7 2.40 -3.47 5.15
CA ILE A 7 1.77 -2.25 4.67
C ILE A 7 0.71 -2.54 3.62
N LEU A 8 0.99 -3.51 2.76
CA LEU A 8 0.07 -3.85 1.68
C LEU A 8 -0.72 -5.11 2.02
N ASP A 9 -0.10 -6.26 1.79
CA ASP A 9 -0.75 -7.56 1.97
C ASP A 9 0.16 -8.67 1.48
N VAL A 10 0.99 -8.34 0.50
CA VAL A 10 1.85 -9.33 -0.14
C VAL A 10 3.32 -8.96 0.03
N PRO A 11 4.21 -9.96 -0.04
CA PRO A 11 5.66 -9.76 0.10
C PRO A 11 6.30 -9.18 -1.16
N ARG A 12 7.61 -9.02 -1.11
CA ARG A 12 8.37 -8.37 -2.19
C ARG A 12 8.58 -9.34 -3.35
N SER A 13 8.25 -10.60 -3.12
CA SER A 13 8.34 -11.64 -4.14
C SER A 13 7.23 -11.49 -5.16
N ALA A 14 6.28 -10.61 -4.87
CA ALA A 14 5.17 -10.34 -5.74
C ALA A 14 5.55 -9.32 -6.80
N SER A 15 5.02 -9.49 -8.00
CA SER A 15 5.28 -8.57 -9.09
C SER A 15 4.38 -7.34 -8.98
N ALA A 16 4.68 -6.31 -9.76
CA ALA A 16 3.92 -5.06 -9.71
C ALA A 16 2.42 -5.30 -9.87
N ASP A 17 2.06 -6.18 -10.81
CA ASP A 17 0.66 -6.52 -11.05
C ASP A 17 0.03 -7.16 -9.82
N ASP A 18 0.82 -7.94 -9.10
CA ASP A 18 0.35 -8.63 -7.90
C ASP A 18 0.10 -7.62 -6.78
N ILE A 19 1.04 -6.69 -6.61
CA ILE A 19 0.88 -5.62 -5.64
C ILE A 19 -0.36 -4.76 -5.98
N LYS A 20 -0.53 -4.48 -7.25
CA LYS A 20 -1.74 -3.79 -7.72
C LYS A 20 -3.00 -4.55 -7.29
N LYS A 21 -2.98 -5.86 -7.49
CA LYS A 21 -4.10 -6.69 -7.11
C LYS A 21 -4.30 -6.67 -5.60
N ALA A 22 -3.19 -6.58 -4.87
CA ALA A 22 -3.22 -6.58 -3.41
C ALA A 22 -3.89 -5.32 -2.86
N TYR A 23 -3.58 -4.15 -3.40
CA TYR A 23 -4.23 -2.94 -2.92
C TYR A 23 -5.72 -2.98 -3.24
N ARG A 24 -6.05 -3.51 -4.42
CA ARG A 24 -7.46 -3.64 -4.81
C ARG A 24 -8.25 -4.44 -3.78
N ARG A 25 -7.69 -5.56 -3.31
CA ARG A 25 -8.40 -6.41 -2.37
C ARG A 25 -8.57 -5.69 -1.02
N LYS A 26 -7.57 -4.89 -0.66
CA LYS A 26 -7.65 -4.08 0.54
C LYS A 26 -8.73 -3.00 0.38
N ALA A 27 -8.80 -2.44 -0.83
CA ALA A 27 -9.81 -1.43 -1.16
C ALA A 27 -11.22 -1.97 -0.88
N LEU A 28 -11.44 -3.24 -1.22
CA LEU A 28 -12.72 -3.88 -0.92
C LEU A 28 -12.91 -4.05 0.58
N GLN A 29 -11.83 -4.32 1.30
CA GLN A 29 -11.88 -4.53 2.74
C GLN A 29 -12.38 -3.29 3.50
N TRP A 30 -12.04 -2.09 3.02
CA TRP A 30 -12.51 -0.86 3.67
C TRP A 30 -13.62 -0.21 2.85
N HIS A 31 -14.12 -0.95 1.88
CA HIS A 31 -15.21 -0.49 1.02
C HIS A 31 -16.50 -0.48 1.85
N PRO A 32 -17.38 0.52 1.64
CA PRO A 32 -18.54 0.81 2.50
C PRO A 32 -19.48 -0.37 2.72
N ASP A 33 -19.54 -1.28 1.77
CA ASP A 33 -20.37 -2.46 1.90
C ASP A 33 -19.80 -3.42 2.94
N LYS A 34 -18.48 -3.41 3.09
CA LYS A 34 -17.80 -4.20 4.11
C LYS A 34 -17.62 -3.40 5.40
N ASN A 35 -17.17 -2.16 5.25
CA ASN A 35 -16.93 -1.29 6.40
C ASN A 35 -18.06 -0.27 6.48
N PRO A 36 -18.69 -0.12 7.66
CA PRO A 36 -19.93 0.60 7.81
C PRO A 36 -19.78 2.10 8.13
N ASP A 37 -19.96 2.45 9.39
CA ASP A 37 -20.09 3.86 9.78
C ASP A 37 -18.74 4.50 10.03
N ASN A 38 -17.69 3.71 10.03
CA ASN A 38 -16.36 4.23 10.27
C ASN A 38 -15.67 4.52 8.94
N LYS A 39 -15.67 5.79 8.56
CA LYS A 39 -15.03 6.20 7.32
C LYS A 39 -13.61 6.66 7.61
N GLU A 40 -13.36 6.98 8.88
CA GLU A 40 -12.05 7.43 9.32
C GLU A 40 -10.98 6.44 8.92
N PHE A 41 -11.25 5.15 9.16
CA PHE A 41 -10.32 4.09 8.78
C PHE A 41 -10.30 3.88 7.28
N ALA A 42 -11.47 3.93 6.64
CA ALA A 42 -11.57 3.62 5.22
C ALA A 42 -10.75 4.61 4.39
N GLU A 43 -10.88 5.90 4.67
CA GLU A 43 -10.09 6.90 3.96
C GLU A 43 -8.63 6.84 4.37
N LYS A 44 -8.38 6.58 5.66
CA LYS A 44 -7.02 6.54 6.17
C LYS A 44 -6.25 5.38 5.55
N LYS A 45 -6.90 4.24 5.42
CA LYS A 45 -6.28 3.08 4.80
C LYS A 45 -6.05 3.32 3.32
N PHE A 46 -6.98 4.03 2.70
CA PHE A 46 -6.82 4.47 1.32
C PHE A 46 -5.56 5.33 1.18
N LYS A 47 -5.38 6.22 2.15
CA LYS A 47 -4.20 7.08 2.18
C LYS A 47 -2.94 6.26 2.43
N GLU A 48 -3.02 5.31 3.35
CA GLU A 48 -1.88 4.48 3.71
C GLU A 48 -1.42 3.63 2.53
N VAL A 49 -2.37 3.03 1.82
CA VAL A 49 -2.03 2.17 0.70
C VAL A 49 -1.54 2.98 -0.50
N ALA A 50 -2.14 4.14 -0.73
CA ALA A 50 -1.79 4.94 -1.89
C ALA A 50 -0.32 5.36 -1.84
N GLU A 51 0.11 5.84 -0.68
CA GLU A 51 1.49 6.28 -0.52
C GLU A 51 2.44 5.09 -0.51
N ALA A 52 2.06 4.04 0.22
CA ALA A 52 2.93 2.90 0.44
C ALA A 52 3.07 2.05 -0.81
N TYR A 53 1.99 1.90 -1.56
CA TYR A 53 2.03 1.11 -2.79
C TYR A 53 2.81 1.86 -3.86
N GLU A 54 2.57 3.16 -3.96
CA GLU A 54 3.21 3.98 -4.97
C GLU A 54 4.72 3.91 -4.84
N VAL A 55 5.23 4.12 -3.64
CA VAL A 55 6.66 4.11 -3.39
C VAL A 55 7.26 2.70 -3.53
N LEU A 56 6.60 1.71 -2.94
CA LEU A 56 7.13 0.35 -2.91
C LEU A 56 7.02 -0.37 -4.25
N SER A 57 6.00 -0.04 -5.04
CA SER A 57 5.78 -0.72 -6.31
C SER A 57 6.72 -0.18 -7.39
N ASP A 58 7.27 1.01 -7.16
CA ASP A 58 8.15 1.63 -8.14
C ASP A 58 9.58 1.68 -7.61
N LYS A 59 10.49 1.17 -8.42
CA LYS A 59 11.88 1.01 -8.01
C LYS A 59 12.54 2.37 -7.86
N HIS A 60 12.05 3.32 -8.64
CA HIS A 60 12.56 4.69 -8.57
C HIS A 60 12.17 5.32 -7.25
N LYS A 61 10.91 5.09 -6.86
CA LYS A 61 10.39 5.64 -5.63
C LYS A 61 11.02 4.97 -4.42
N ARG A 62 11.25 3.65 -4.52
CA ARG A 62 11.94 2.91 -3.48
C ARG A 62 13.33 3.49 -3.23
N GLU A 63 13.99 3.91 -4.29
CA GLU A 63 15.29 4.56 -4.17
C GLU A 63 15.14 5.89 -3.45
N ILE A 64 14.11 6.65 -3.82
CA ILE A 64 13.90 7.98 -3.25
C ILE A 64 13.62 7.89 -1.76
N TYR A 65 12.77 6.93 -1.37
CA TYR A 65 12.40 6.77 0.01
C TYR A 65 13.58 6.31 0.85
N ASP A 66 14.42 5.45 0.27
CA ASP A 66 15.57 4.91 0.99
C ASP A 66 16.67 5.96 1.14
N ARG A 67 16.97 6.65 0.05
CA ARG A 67 18.09 7.58 0.03
C ARG A 67 17.72 8.92 0.65
N TYR A 68 16.54 9.45 0.32
CA TYR A 68 16.16 10.79 0.75
C TYR A 68 15.33 10.72 2.03
N GLY A 69 14.92 9.51 2.39
CA GLY A 69 14.18 9.31 3.61
C GLY A 69 15.05 9.53 4.82
N ARG A 70 16.20 8.89 4.81
CA ARG A 70 17.20 9.03 5.87
C ARG A 70 17.77 10.45 5.92
N GLU A 71 17.72 11.16 4.80
CA GLU A 71 18.23 12.53 4.75
C GLU A 71 17.30 13.48 5.50
N MET A 1 12.30 -5.85 8.58
CA MET A 1 12.63 -6.65 7.37
C MET A 1 11.57 -6.43 6.30
N ALA A 2 11.83 -5.44 5.43
CA ALA A 2 10.91 -5.05 4.36
C ALA A 2 9.66 -4.36 4.92
N SER A 3 8.88 -5.11 5.70
CA SER A 3 7.67 -4.60 6.37
C SER A 3 6.57 -4.20 5.36
N TYR A 4 6.88 -4.29 4.07
CA TYR A 4 5.94 -3.87 3.03
C TYR A 4 4.74 -4.81 2.98
N TYR A 5 4.94 -6.07 3.35
CA TYR A 5 3.87 -7.04 3.37
C TYR A 5 2.81 -6.66 4.38
N GLU A 6 3.23 -6.03 5.47
CA GLU A 6 2.31 -5.54 6.49
C GLU A 6 1.59 -4.28 6.01
N ILE A 7 2.33 -3.37 5.40
CA ILE A 7 1.79 -2.08 5.00
C ILE A 7 0.82 -2.23 3.83
N LEU A 8 1.13 -3.13 2.92
CA LEU A 8 0.30 -3.37 1.75
C LEU A 8 -0.54 -4.63 1.95
N ASP A 9 0.06 -5.77 1.63
CA ASP A 9 -0.63 -7.06 1.68
C ASP A 9 0.32 -8.13 1.17
N VAL A 10 1.14 -7.74 0.22
CA VAL A 10 2.13 -8.63 -0.38
C VAL A 10 3.53 -8.08 -0.16
N PRO A 11 4.55 -8.96 -0.20
CA PRO A 11 5.94 -8.58 0.02
C PRO A 11 6.58 -7.91 -1.21
N ARG A 12 7.86 -7.58 -1.10
CA ARG A 12 8.57 -6.91 -2.18
C ARG A 12 8.95 -7.89 -3.28
N SER A 13 9.01 -9.16 -2.93
CA SER A 13 9.34 -10.22 -3.87
C SER A 13 8.14 -10.58 -4.75
N ALA A 14 7.03 -9.89 -4.56
CA ALA A 14 5.83 -10.10 -5.36
C ALA A 14 5.90 -9.32 -6.66
N SER A 15 5.35 -9.89 -7.72
CA SER A 15 5.34 -9.25 -9.02
C SER A 15 4.40 -8.05 -9.05
N ALA A 16 4.59 -7.17 -10.01
CA ALA A 16 3.83 -5.91 -10.08
C ALA A 16 2.32 -6.15 -9.98
N ASP A 17 1.86 -7.17 -10.69
CA ASP A 17 0.44 -7.52 -10.71
C ASP A 17 -0.07 -7.91 -9.33
N ASP A 18 0.79 -8.57 -8.54
CA ASP A 18 0.44 -8.95 -7.17
C ASP A 18 0.21 -7.71 -6.33
N ILE A 19 1.11 -6.74 -6.44
CA ILE A 19 1.02 -5.51 -5.67
C ILE A 19 -0.25 -4.73 -6.02
N LYS A 20 -0.55 -4.60 -7.31
CA LYS A 20 -1.73 -3.87 -7.75
C LYS A 20 -3.01 -4.53 -7.24
N LYS A 21 -3.04 -5.85 -7.26
CA LYS A 21 -4.18 -6.58 -6.74
C LYS A 21 -4.25 -6.41 -5.24
N ALA A 22 -3.10 -6.47 -4.58
CA ALA A 22 -3.00 -6.28 -3.13
C ALA A 22 -3.48 -4.89 -2.73
N TYR A 23 -3.06 -3.90 -3.50
CA TYR A 23 -3.46 -2.52 -3.26
C TYR A 23 -4.97 -2.37 -3.40
N ARG A 24 -5.52 -2.90 -4.47
CA ARG A 24 -6.96 -2.77 -4.71
C ARG A 24 -7.79 -3.57 -3.73
N ARG A 25 -7.34 -4.77 -3.36
CA ARG A 25 -8.09 -5.56 -2.38
C ARG A 25 -8.13 -4.84 -1.03
N LYS A 26 -7.02 -4.20 -0.67
CA LYS A 26 -6.96 -3.43 0.57
C LYS A 26 -7.83 -2.18 0.46
N ALA A 27 -7.79 -1.56 -0.70
CA ALA A 27 -8.61 -0.38 -0.98
C ALA A 27 -10.10 -0.71 -0.95
N LEU A 28 -10.47 -1.82 -1.56
CA LEU A 28 -11.87 -2.21 -1.66
C LEU A 28 -12.43 -2.68 -0.31
N GLN A 29 -11.62 -3.38 0.48
CA GLN A 29 -12.08 -3.90 1.76
C GLN A 29 -12.35 -2.76 2.75
N TRP A 30 -11.65 -1.65 2.60
CA TRP A 30 -11.90 -0.48 3.42
C TRP A 30 -12.55 0.63 2.59
N HIS A 31 -13.09 0.24 1.45
CA HIS A 31 -13.88 1.14 0.63
C HIS A 31 -15.23 1.35 1.30
N PRO A 32 -15.78 2.58 1.23
CA PRO A 32 -17.02 2.95 1.96
C PRO A 32 -18.19 2.03 1.68
N ASP A 33 -18.19 1.45 0.50
CA ASP A 33 -19.21 0.50 0.09
C ASP A 33 -19.07 -0.82 0.88
N LYS A 34 -17.87 -1.10 1.39
CA LYS A 34 -17.61 -2.35 2.09
C LYS A 34 -17.09 -2.12 3.52
N ASN A 35 -17.27 -0.93 4.08
CA ASN A 35 -16.71 -0.65 5.40
C ASN A 35 -17.77 -0.73 6.49
N PRO A 36 -17.38 -1.19 7.69
CA PRO A 36 -18.28 -1.36 8.82
C PRO A 36 -18.54 -0.06 9.59
N ASP A 37 -18.03 0.02 10.82
CA ASP A 37 -18.31 1.16 11.69
C ASP A 37 -17.25 2.24 11.58
N ASN A 38 -16.13 1.91 10.93
CA ASN A 38 -15.05 2.87 10.73
C ASN A 38 -15.00 3.35 9.29
N LYS A 39 -15.27 4.63 9.08
CA LYS A 39 -15.14 5.22 7.76
C LYS A 39 -13.87 6.04 7.72
N GLU A 40 -13.51 6.62 8.86
CA GLU A 40 -12.31 7.41 9.00
C GLU A 40 -11.08 6.52 8.86
N PHE A 41 -11.12 5.36 9.50
CA PHE A 41 -10.03 4.41 9.41
C PHE A 41 -9.99 3.75 8.05
N ALA A 42 -11.17 3.48 7.49
CA ALA A 42 -11.28 2.86 6.18
C ALA A 42 -10.65 3.75 5.11
N GLU A 43 -10.96 5.05 5.16
CA GLU A 43 -10.35 5.99 4.23
C GLU A 43 -8.87 6.13 4.52
N LYS A 44 -8.49 6.07 5.80
CA LYS A 44 -7.09 6.14 6.19
C LYS A 44 -6.32 4.97 5.60
N LYS A 45 -6.93 3.78 5.62
CA LYS A 45 -6.33 2.60 5.04
C LYS A 45 -6.17 2.79 3.54
N PHE A 46 -7.13 3.49 2.95
CA PHE A 46 -7.06 3.85 1.53
C PHE A 46 -5.91 4.83 1.30
N LYS A 47 -5.76 5.79 2.20
CA LYS A 47 -4.65 6.74 2.13
C LYS A 47 -3.32 6.02 2.13
N GLU A 48 -3.18 5.03 3.02
CA GLU A 48 -1.93 4.29 3.15
C GLU A 48 -1.61 3.55 1.88
N VAL A 49 -2.62 2.89 1.33
CA VAL A 49 -2.40 2.02 0.19
C VAL A 49 -2.08 2.82 -1.06
N ALA A 50 -2.73 3.97 -1.23
CA ALA A 50 -2.49 4.80 -2.38
C ALA A 50 -1.06 5.32 -2.39
N GLU A 51 -0.59 5.80 -1.25
CA GLU A 51 0.76 6.34 -1.16
C GLU A 51 1.79 5.21 -1.20
N ALA A 52 1.50 4.13 -0.50
CA ALA A 52 2.44 3.03 -0.35
C ALA A 52 2.58 2.23 -1.63
N TYR A 53 1.45 1.92 -2.28
CA TYR A 53 1.51 1.18 -3.53
C TYR A 53 2.18 2.03 -4.60
N GLU A 54 1.94 3.34 -4.55
CA GLU A 54 2.52 4.26 -5.52
C GLU A 54 4.05 4.22 -5.44
N VAL A 55 4.58 4.36 -4.24
CA VAL A 55 6.03 4.33 -4.05
C VAL A 55 6.62 2.93 -4.25
N LEU A 56 5.89 1.92 -3.78
CA LEU A 56 6.40 0.54 -3.78
C LEU A 56 6.42 -0.07 -5.18
N SER A 57 5.52 0.37 -6.05
CA SER A 57 5.39 -0.23 -7.38
C SER A 57 6.49 0.26 -8.31
N ASP A 58 7.15 1.34 -7.93
CA ASP A 58 8.25 1.85 -8.73
C ASP A 58 9.56 1.68 -7.99
N LYS A 59 10.47 0.95 -8.61
CA LYS A 59 11.74 0.59 -7.99
C LYS A 59 12.55 1.84 -7.67
N HIS A 60 12.42 2.86 -8.52
CA HIS A 60 13.17 4.10 -8.36
C HIS A 60 12.66 4.87 -7.16
N LYS A 61 11.35 4.96 -7.03
CA LYS A 61 10.73 5.76 -6.00
C LYS A 61 10.93 5.15 -4.63
N ARG A 62 10.75 3.83 -4.54
CA ARG A 62 10.87 3.14 -3.27
C ARG A 62 12.31 3.18 -2.75
N GLU A 63 13.30 3.03 -3.63
CA GLU A 63 14.68 3.10 -3.19
C GLU A 63 15.07 4.54 -2.87
N ILE A 64 14.54 5.49 -3.62
CA ILE A 64 14.79 6.90 -3.34
C ILE A 64 14.19 7.29 -2.00
N TYR A 65 13.02 6.77 -1.70
CA TYR A 65 12.39 7.00 -0.40
C TYR A 65 13.23 6.36 0.70
N ASP A 66 13.83 5.23 0.40
CA ASP A 66 14.61 4.47 1.37
C ASP A 66 15.94 5.15 1.68
N ARG A 67 16.68 5.54 0.65
CA ARG A 67 17.99 6.15 0.84
C ARG A 67 17.93 7.68 0.96
N TYR A 68 17.12 8.32 0.13
CA TYR A 68 17.12 9.77 0.01
C TYR A 68 16.05 10.38 0.91
N GLY A 69 15.18 9.52 1.44
CA GLY A 69 14.15 9.98 2.36
C GLY A 69 14.74 10.59 3.60
N ARG A 70 15.71 9.88 4.15
CA ARG A 70 16.46 10.32 5.33
C ARG A 70 17.21 11.62 5.08
N GLU A 71 17.56 11.86 3.81
CA GLU A 71 18.33 13.03 3.45
C GLU A 71 17.47 14.29 3.56
N MET A 1 12.42 -10.20 4.84
CA MET A 1 11.17 -9.56 5.29
C MET A 1 11.25 -8.06 5.07
N ALA A 2 10.21 -7.50 4.48
CA ALA A 2 10.16 -6.08 4.19
C ALA A 2 8.85 -5.49 4.66
N SER A 3 8.91 -4.24 5.14
CA SER A 3 7.75 -3.56 5.69
C SER A 3 6.67 -3.33 4.64
N TYR A 4 6.98 -3.62 3.38
CA TYR A 4 5.98 -3.54 2.31
C TYR A 4 4.88 -4.57 2.57
N TYR A 5 5.24 -5.65 3.27
CA TYR A 5 4.30 -6.68 3.64
C TYR A 5 3.21 -6.11 4.55
N GLU A 6 3.62 -5.20 5.42
CA GLU A 6 2.70 -4.55 6.35
C GLU A 6 1.80 -3.54 5.66
N ILE A 7 2.38 -2.74 4.76
CA ILE A 7 1.66 -1.63 4.17
C ILE A 7 0.58 -2.11 3.20
N LEU A 8 0.91 -3.12 2.39
CA LEU A 8 -0.06 -3.68 1.46
C LEU A 8 -0.59 -5.00 1.99
N ASP A 9 0.26 -6.02 1.88
CA ASP A 9 -0.08 -7.40 2.21
C ASP A 9 1.05 -8.32 1.80
N VAL A 10 1.76 -7.94 0.75
CA VAL A 10 2.88 -8.71 0.24
C VAL A 10 4.15 -7.86 0.26
N PRO A 11 5.31 -8.50 0.42
CA PRO A 11 6.59 -7.81 0.54
C PRO A 11 7.24 -7.54 -0.81
N ARG A 12 8.48 -7.06 -0.78
CA ARG A 12 9.22 -6.70 -1.98
C ARG A 12 9.57 -7.93 -2.81
N SER A 13 9.57 -9.08 -2.16
CA SER A 13 9.88 -10.34 -2.81
C SER A 13 8.78 -10.73 -3.81
N ALA A 14 7.63 -10.07 -3.68
CA ALA A 14 6.54 -10.27 -4.60
C ALA A 14 6.72 -9.40 -5.84
N SER A 15 6.32 -9.92 -6.98
CA SER A 15 6.41 -9.16 -8.21
C SER A 15 5.34 -8.07 -8.24
N ALA A 16 5.68 -6.96 -8.90
CA ALA A 16 4.91 -5.71 -8.82
C ALA A 16 3.44 -5.89 -9.12
N ASP A 17 3.12 -6.84 -9.99
CA ASP A 17 1.73 -7.11 -10.35
C ASP A 17 0.93 -7.64 -9.16
N ASP A 18 1.59 -8.42 -8.32
CA ASP A 18 0.97 -8.92 -7.10
C ASP A 18 0.71 -7.76 -6.15
N ILE A 19 1.64 -6.83 -6.13
CA ILE A 19 1.52 -5.60 -5.35
C ILE A 19 0.29 -4.80 -5.77
N LYS A 20 0.11 -4.63 -7.08
CA LYS A 20 -1.02 -3.86 -7.60
C LYS A 20 -2.33 -4.58 -7.29
N LYS A 21 -2.29 -5.91 -7.30
CA LYS A 21 -3.45 -6.71 -6.98
C LYS A 21 -3.80 -6.54 -5.49
N ALA A 22 -2.78 -6.52 -4.65
CA ALA A 22 -2.97 -6.30 -3.22
C ALA A 22 -3.59 -4.94 -2.96
N TYR A 23 -3.13 -3.94 -3.71
CA TYR A 23 -3.69 -2.59 -3.65
C TYR A 23 -5.20 -2.61 -3.94
N ARG A 24 -5.58 -3.39 -4.94
CA ARG A 24 -6.99 -3.53 -5.32
C ARG A 24 -7.79 -4.18 -4.18
N ARG A 25 -7.18 -5.16 -3.53
CA ARG A 25 -7.83 -5.87 -2.44
C ARG A 25 -8.06 -4.97 -1.23
N LYS A 26 -7.05 -4.18 -0.88
CA LYS A 26 -7.18 -3.22 0.22
C LYS A 26 -8.23 -2.18 -0.12
N ALA A 27 -8.25 -1.80 -1.39
CA ALA A 27 -9.23 -0.85 -1.89
C ALA A 27 -10.65 -1.32 -1.59
N LEU A 28 -10.91 -2.60 -1.87
CA LEU A 28 -12.21 -3.20 -1.63
C LEU A 28 -12.45 -3.37 -0.13
N GLN A 29 -11.39 -3.70 0.59
CA GLN A 29 -11.47 -3.98 2.02
C GLN A 29 -11.95 -2.75 2.80
N TRP A 30 -11.47 -1.58 2.41
CA TRP A 30 -11.80 -0.36 3.14
C TRP A 30 -12.74 0.54 2.35
N HIS A 31 -13.41 -0.02 1.35
CA HIS A 31 -14.46 0.69 0.66
C HIS A 31 -15.72 0.67 1.53
N PRO A 32 -16.50 1.75 1.47
CA PRO A 32 -17.64 2.00 2.38
C PRO A 32 -18.66 0.87 2.39
N ASP A 33 -18.78 0.16 1.28
CA ASP A 33 -19.68 -0.98 1.18
C ASP A 33 -19.27 -2.10 2.12
N LYS A 34 -17.96 -2.20 2.38
CA LYS A 34 -17.42 -3.22 3.27
C LYS A 34 -16.96 -2.57 4.58
N ASN A 35 -17.40 -1.34 4.81
CA ASN A 35 -16.97 -0.60 5.98
C ASN A 35 -18.15 -0.32 6.90
N PRO A 36 -17.96 -0.53 8.22
CA PRO A 36 -19.01 -0.33 9.21
C PRO A 36 -19.06 1.10 9.77
N ASP A 37 -18.64 1.28 11.02
CA ASP A 37 -18.84 2.57 11.69
C ASP A 37 -17.59 3.45 11.68
N ASN A 38 -16.46 2.90 11.26
CA ASN A 38 -15.24 3.70 11.19
C ASN A 38 -14.89 4.01 9.74
N LYS A 39 -15.21 5.21 9.30
CA LYS A 39 -14.92 5.64 7.93
C LYS A 39 -13.56 6.30 7.88
N GLU A 40 -13.17 6.91 8.99
CA GLU A 40 -11.88 7.57 9.10
C GLU A 40 -10.75 6.59 8.79
N PHE A 41 -10.87 5.39 9.32
CA PHE A 41 -9.88 4.36 9.10
C PHE A 41 -9.88 3.92 7.65
N ALA A 42 -11.07 3.85 7.06
CA ALA A 42 -11.19 3.43 5.66
C ALA A 42 -10.58 4.46 4.72
N GLU A 43 -10.86 5.75 4.96
CA GLU A 43 -10.29 6.80 4.13
C GLU A 43 -8.79 6.92 4.35
N LYS A 44 -8.35 6.75 5.60
CA LYS A 44 -6.92 6.78 5.90
C LYS A 44 -6.22 5.61 5.25
N LYS A 45 -6.77 4.41 5.36
CA LYS A 45 -6.14 3.23 4.79
C LYS A 45 -6.08 3.34 3.28
N PHE A 46 -7.09 3.94 2.70
CA PHE A 46 -7.10 4.21 1.27
C PHE A 46 -5.95 5.15 0.92
N LYS A 47 -5.72 6.15 1.75
CA LYS A 47 -4.60 7.06 1.57
C LYS A 47 -3.27 6.35 1.85
N GLU A 48 -3.28 5.40 2.80
CA GLU A 48 -2.08 4.64 3.14
C GLU A 48 -1.63 3.80 1.96
N VAL A 49 -2.56 3.13 1.31
CA VAL A 49 -2.22 2.30 0.16
C VAL A 49 -1.87 3.18 -1.02
N ALA A 50 -2.54 4.31 -1.15
CA ALA A 50 -2.26 5.22 -2.26
C ALA A 50 -0.79 5.65 -2.27
N GLU A 51 -0.27 6.02 -1.11
CA GLU A 51 1.13 6.43 -1.02
C GLU A 51 2.05 5.22 -1.12
N ALA A 52 1.69 4.15 -0.43
CA ALA A 52 2.52 2.96 -0.33
C ALA A 52 2.60 2.21 -1.65
N TYR A 53 1.48 2.14 -2.35
CA TYR A 53 1.44 1.47 -3.63
C TYR A 53 2.17 2.30 -4.69
N GLU A 54 2.03 3.62 -4.61
CA GLU A 54 2.72 4.49 -5.57
C GLU A 54 4.23 4.33 -5.46
N VAL A 55 4.74 4.41 -4.24
CA VAL A 55 6.17 4.36 -4.03
C VAL A 55 6.76 3.00 -4.40
N LEU A 56 6.07 1.93 -4.01
CA LEU A 56 6.55 0.58 -4.27
C LEU A 56 6.38 0.19 -5.75
N SER A 57 5.38 0.75 -6.42
CA SER A 57 5.13 0.39 -7.81
C SER A 57 6.08 1.14 -8.74
N ASP A 58 6.75 2.15 -8.22
CA ASP A 58 7.72 2.89 -9.00
C ASP A 58 9.10 2.59 -8.48
N LYS A 59 9.95 2.08 -9.37
CA LYS A 59 11.25 1.61 -8.99
C LYS A 59 12.13 2.78 -8.52
N HIS A 60 11.96 3.93 -9.13
CA HIS A 60 12.70 5.12 -8.72
C HIS A 60 12.20 5.65 -7.38
N LYS A 61 10.90 5.60 -7.16
CA LYS A 61 10.32 6.12 -5.92
C LYS A 61 10.73 5.26 -4.73
N ARG A 62 10.64 3.96 -4.90
CA ARG A 62 10.97 3.05 -3.81
C ARG A 62 12.45 3.08 -3.48
N GLU A 63 13.30 3.28 -4.49
CA GLU A 63 14.74 3.36 -4.24
C GLU A 63 15.07 4.66 -3.51
N ILE A 64 14.35 5.73 -3.86
CA ILE A 64 14.47 6.99 -3.17
C ILE A 64 13.97 6.87 -1.74
N TYR A 65 12.84 6.20 -1.57
CA TYR A 65 12.25 5.98 -0.26
C TYR A 65 13.17 5.14 0.62
N ASP A 66 13.89 4.21 -0.01
CA ASP A 66 14.80 3.33 0.71
C ASP A 66 16.00 4.09 1.27
N ARG A 67 16.60 4.92 0.44
CA ARG A 67 17.82 5.62 0.82
C ARG A 67 17.54 6.96 1.50
N TYR A 68 16.50 7.65 1.07
CA TYR A 68 16.20 8.99 1.54
C TYR A 68 15.04 8.98 2.53
N GLY A 69 14.44 7.81 2.72
CA GLY A 69 13.34 7.67 3.64
C GLY A 69 13.74 7.98 5.07
N ARG A 70 14.83 7.36 5.49
CA ARG A 70 15.38 7.57 6.83
C ARG A 70 15.76 9.03 7.06
N GLU A 71 16.28 9.67 6.03
CA GLU A 71 16.77 11.04 6.15
C GLU A 71 15.61 12.03 6.07
N MET A 1 15.35 -8.27 2.76
CA MET A 1 13.99 -8.20 3.33
C MET A 1 13.25 -6.99 2.76
N ALA A 2 11.93 -6.98 2.92
CA ALA A 2 11.14 -5.86 2.47
C ALA A 2 10.06 -5.53 3.49
N SER A 3 10.21 -4.40 4.18
CA SER A 3 9.23 -3.95 5.16
C SER A 3 7.90 -3.63 4.49
N TYR A 4 7.94 -3.48 3.17
CA TYR A 4 6.76 -3.20 2.38
C TYR A 4 5.80 -4.39 2.43
N TYR A 5 6.36 -5.59 2.60
CA TYR A 5 5.56 -6.79 2.76
C TYR A 5 4.73 -6.70 4.04
N GLU A 6 5.33 -6.11 5.05
CA GLU A 6 4.68 -5.91 6.33
C GLU A 6 3.63 -4.80 6.25
N ILE A 7 3.98 -3.70 5.60
CA ILE A 7 3.09 -2.55 5.52
C ILE A 7 1.89 -2.81 4.59
N LEU A 8 2.13 -3.52 3.49
CA LEU A 8 1.05 -3.82 2.55
C LEU A 8 0.52 -5.24 2.78
N ASP A 9 1.15 -6.21 2.12
CA ASP A 9 0.80 -7.63 2.24
C ASP A 9 1.53 -8.46 1.19
N VAL A 10 2.14 -7.77 0.23
CA VAL A 10 2.97 -8.44 -0.76
C VAL A 10 4.40 -7.91 -0.72
N PRO A 11 5.38 -8.76 -1.11
CA PRO A 11 6.79 -8.43 -1.03
C PRO A 11 7.34 -7.76 -2.29
N ARG A 12 8.66 -7.66 -2.38
CA ARG A 12 9.30 -6.94 -3.48
C ARG A 12 9.35 -7.78 -4.76
N SER A 13 9.45 -9.10 -4.61
CA SER A 13 9.55 -10.01 -5.74
C SER A 13 8.23 -10.09 -6.51
N ALA A 14 7.19 -9.48 -5.96
CA ALA A 14 5.91 -9.40 -6.61
C ALA A 14 5.95 -8.36 -7.73
N SER A 15 5.25 -8.64 -8.81
CA SER A 15 5.19 -7.72 -9.94
C SER A 15 4.29 -6.54 -9.61
N ALA A 16 4.51 -5.40 -10.27
CA ALA A 16 3.78 -4.17 -9.95
C ALA A 16 2.28 -4.40 -9.95
N ASP A 17 1.81 -5.17 -10.93
CA ASP A 17 0.39 -5.50 -11.05
C ASP A 17 -0.11 -6.30 -9.85
N ASP A 18 0.75 -7.15 -9.31
CA ASP A 18 0.41 -7.94 -8.12
C ASP A 18 0.28 -7.03 -6.90
N ILE A 19 1.19 -6.07 -6.79
CA ILE A 19 1.09 -5.04 -5.75
C ILE A 19 -0.19 -4.24 -5.96
N LYS A 20 -0.49 -3.94 -7.21
CA LYS A 20 -1.70 -3.22 -7.59
C LYS A 20 -2.93 -4.02 -7.13
N LYS A 21 -2.88 -5.33 -7.34
CA LYS A 21 -3.98 -6.21 -6.94
C LYS A 21 -4.11 -6.24 -5.42
N ALA A 22 -2.98 -6.33 -4.73
CA ALA A 22 -2.97 -6.36 -3.29
C ALA A 22 -3.59 -5.08 -2.71
N TYR A 23 -3.26 -3.95 -3.34
CA TYR A 23 -3.86 -2.68 -2.97
C TYR A 23 -5.36 -2.68 -3.26
N ARG A 24 -5.75 -3.24 -4.40
CA ARG A 24 -7.16 -3.24 -4.79
C ARG A 24 -8.01 -4.07 -3.84
N ARG A 25 -7.52 -5.25 -3.47
CA ARG A 25 -8.27 -6.11 -2.56
C ARG A 25 -8.31 -5.50 -1.15
N LYS A 26 -7.19 -4.92 -0.74
CA LYS A 26 -7.10 -4.23 0.54
C LYS A 26 -8.03 -3.02 0.54
N ALA A 27 -8.07 -2.33 -0.60
CA ALA A 27 -8.96 -1.19 -0.80
C ALA A 27 -10.41 -1.62 -0.77
N LEU A 28 -10.70 -2.78 -1.36
CA LEU A 28 -12.06 -3.32 -1.39
C LEU A 28 -12.59 -3.56 0.01
N GLN A 29 -11.72 -4.07 0.89
CA GLN A 29 -12.10 -4.39 2.26
C GLN A 29 -12.53 -3.14 3.01
N TRP A 30 -11.86 -2.03 2.75
CA TRP A 30 -12.12 -0.78 3.46
C TRP A 30 -12.78 0.24 2.55
N HIS A 31 -13.35 -0.23 1.45
CA HIS A 31 -14.03 0.64 0.50
C HIS A 31 -15.34 1.12 1.11
N PRO A 32 -15.70 2.38 0.89
CA PRO A 32 -16.94 2.98 1.42
C PRO A 32 -18.19 2.19 1.03
N ASP A 33 -18.10 1.54 -0.12
CA ASP A 33 -19.17 0.66 -0.61
C ASP A 33 -19.34 -0.54 0.30
N LYS A 34 -18.24 -1.00 0.87
CA LYS A 34 -18.21 -2.21 1.66
C LYS A 34 -17.87 -1.92 3.12
N ASN A 35 -18.05 -0.67 3.51
CA ASN A 35 -17.73 -0.22 4.85
C ASN A 35 -19.00 0.22 5.58
N PRO A 36 -19.19 -0.19 6.84
CA PRO A 36 -20.38 0.13 7.61
C PRO A 36 -20.29 1.45 8.39
N ASP A 37 -20.14 1.38 9.71
CA ASP A 37 -20.21 2.58 10.55
C ASP A 37 -18.84 3.15 10.89
N ASN A 38 -17.78 2.44 10.56
CA ASN A 38 -16.44 2.93 10.85
C ASN A 38 -15.81 3.48 9.59
N LYS A 39 -15.83 4.79 9.43
CA LYS A 39 -15.41 5.41 8.18
C LYS A 39 -14.01 5.99 8.30
N GLU A 40 -13.66 6.41 9.50
CA GLU A 40 -12.40 7.10 9.73
C GLU A 40 -11.21 6.21 9.39
N PHE A 41 -11.27 4.97 9.84
CA PHE A 41 -10.18 4.04 9.56
C PHE A 41 -10.19 3.64 8.09
N ALA A 42 -11.37 3.49 7.51
CA ALA A 42 -11.50 3.09 6.11
C ALA A 42 -10.86 4.12 5.19
N GLU A 43 -11.13 5.40 5.45
CA GLU A 43 -10.61 6.47 4.61
C GLU A 43 -9.10 6.61 4.76
N LYS A 44 -8.62 6.53 6.00
CA LYS A 44 -7.20 6.67 6.27
C LYS A 44 -6.41 5.48 5.75
N LYS A 45 -6.98 4.29 5.86
CA LYS A 45 -6.29 3.09 5.41
C LYS A 45 -6.19 3.08 3.90
N PHE A 46 -7.20 3.59 3.24
CA PHE A 46 -7.17 3.75 1.79
C PHE A 46 -6.05 4.71 1.40
N LYS A 47 -5.89 5.76 2.19
CA LYS A 47 -4.82 6.73 1.96
C LYS A 47 -3.45 6.07 2.17
N GLU A 48 -3.34 5.29 3.25
CA GLU A 48 -2.09 4.63 3.59
C GLU A 48 -1.70 3.58 2.55
N VAL A 49 -2.65 2.79 2.09
CA VAL A 49 -2.36 1.78 1.07
C VAL A 49 -1.95 2.43 -0.24
N ALA A 50 -2.59 3.55 -0.59
CA ALA A 50 -2.30 4.24 -1.84
C ALA A 50 -0.85 4.71 -1.90
N GLU A 51 -0.39 5.33 -0.82
CA GLU A 51 0.98 5.82 -0.76
C GLU A 51 1.97 4.66 -0.68
N ALA A 52 1.58 3.65 0.07
CA ALA A 52 2.44 2.51 0.35
C ALA A 52 2.58 1.58 -0.86
N TYR A 53 1.48 1.37 -1.57
CA TYR A 53 1.51 0.51 -2.75
C TYR A 53 2.25 1.23 -3.87
N GLU A 54 2.08 2.55 -3.95
CA GLU A 54 2.74 3.35 -4.97
C GLU A 54 4.26 3.25 -4.83
N VAL A 55 4.75 3.43 -3.61
CA VAL A 55 6.18 3.40 -3.37
C VAL A 55 6.75 2.01 -3.64
N LEU A 56 6.01 0.97 -3.27
CA LEU A 56 6.47 -0.40 -3.47
C LEU A 56 6.40 -0.80 -4.94
N SER A 57 5.48 -0.20 -5.68
CA SER A 57 5.27 -0.55 -7.08
C SER A 57 6.35 0.08 -7.96
N ASP A 58 7.00 1.12 -7.44
CA ASP A 58 8.06 1.80 -8.18
C ASP A 58 9.41 1.57 -7.51
N LYS A 59 10.34 1.00 -8.26
CA LYS A 59 11.70 0.80 -7.75
C LYS A 59 12.36 2.14 -7.56
N HIS A 60 12.01 3.07 -8.45
CA HIS A 60 12.50 4.43 -8.36
C HIS A 60 11.91 5.16 -7.16
N LYS A 61 10.67 4.84 -6.82
CA LYS A 61 10.01 5.45 -5.68
C LYS A 61 10.64 4.92 -4.39
N ARG A 62 10.91 3.62 -4.37
CA ARG A 62 11.56 2.99 -3.24
C ARG A 62 12.96 3.55 -3.02
N GLU A 63 13.71 3.76 -4.09
CA GLU A 63 15.06 4.30 -3.96
C GLU A 63 15.00 5.74 -3.47
N ILE A 64 13.97 6.48 -3.87
CA ILE A 64 13.76 7.83 -3.37
C ILE A 64 13.47 7.80 -1.88
N TYR A 65 12.62 6.87 -1.47
CA TYR A 65 12.32 6.65 -0.06
C TYR A 65 13.62 6.30 0.69
N ASP A 66 14.46 5.53 0.03
CA ASP A 66 15.70 5.04 0.62
C ASP A 66 16.74 6.14 0.78
N ARG A 67 16.95 6.94 -0.27
CA ARG A 67 17.98 7.96 -0.25
C ARG A 67 17.48 9.29 0.31
N TYR A 68 16.24 9.66 0.00
CA TYR A 68 15.73 10.97 0.38
C TYR A 68 14.96 10.89 1.70
N GLY A 69 14.71 9.66 2.16
CA GLY A 69 14.07 9.47 3.45
C GLY A 69 14.91 10.02 4.58
N ARG A 70 16.18 9.67 4.55
CA ARG A 70 17.16 10.13 5.53
C ARG A 70 17.34 11.65 5.47
N GLU A 71 17.08 12.22 4.30
CA GLU A 71 17.27 13.65 4.07
C GLU A 71 16.21 14.48 4.80
N MET A 1 12.86 -7.73 7.43
CA MET A 1 13.69 -6.56 7.08
C MET A 1 13.05 -5.76 5.95
N ALA A 2 12.51 -6.45 4.95
CA ALA A 2 11.88 -5.79 3.82
C ALA A 2 10.65 -5.01 4.24
N SER A 3 9.80 -5.65 5.05
CA SER A 3 8.64 -5.00 5.68
C SER A 3 7.54 -4.63 4.68
N TYR A 4 7.85 -4.64 3.38
CA TYR A 4 6.88 -4.23 2.36
C TYR A 4 5.67 -5.14 2.36
N TYR A 5 5.89 -6.43 2.56
CA TYR A 5 4.79 -7.37 2.68
C TYR A 5 3.90 -7.02 3.87
N GLU A 6 4.50 -6.47 4.92
CA GLU A 6 3.76 -6.04 6.10
C GLU A 6 2.96 -4.77 5.81
N ILE A 7 3.61 -3.80 5.16
CA ILE A 7 3.01 -2.51 4.88
C ILE A 7 1.93 -2.61 3.82
N LEU A 8 2.09 -3.54 2.88
CA LEU A 8 1.12 -3.69 1.81
C LEU A 8 0.15 -4.84 2.08
N ASP A 9 0.55 -6.05 1.68
CA ASP A 9 -0.33 -7.21 1.78
C ASP A 9 0.36 -8.46 1.22
N VAL A 10 1.17 -8.25 0.20
CA VAL A 10 1.81 -9.36 -0.51
C VAL A 10 3.33 -9.27 -0.46
N PRO A 11 4.02 -10.41 -0.63
CA PRO A 11 5.47 -10.48 -0.62
C PRO A 11 6.08 -10.38 -2.02
N ARG A 12 7.41 -10.32 -2.05
CA ARG A 12 8.19 -9.99 -3.25
C ARG A 12 7.91 -10.89 -4.44
N SER A 13 7.42 -12.10 -4.17
CA SER A 13 7.12 -13.07 -5.21
C SER A 13 6.09 -12.51 -6.21
N ALA A 14 5.31 -11.54 -5.76
CA ALA A 14 4.27 -10.94 -6.59
C ALA A 14 4.85 -9.91 -7.56
N SER A 15 4.27 -9.87 -8.75
CA SER A 15 4.61 -8.85 -9.73
C SER A 15 3.92 -7.54 -9.38
N ALA A 16 4.35 -6.44 -9.99
CA ALA A 16 3.79 -5.12 -9.66
C ALA A 16 2.27 -5.11 -9.77
N ASP A 17 1.75 -5.90 -10.71
CA ASP A 17 0.31 -6.01 -10.92
C ASP A 17 -0.38 -6.59 -9.68
N ASP A 18 0.25 -7.60 -9.09
CA ASP A 18 -0.29 -8.25 -7.90
C ASP A 18 -0.20 -7.30 -6.72
N ILE A 19 0.87 -6.52 -6.67
CA ILE A 19 1.01 -5.47 -5.68
C ILE A 19 -0.13 -4.46 -5.82
N LYS A 20 -0.44 -4.11 -7.07
CA LYS A 20 -1.53 -3.20 -7.36
C LYS A 20 -2.86 -3.82 -6.95
N LYS A 21 -3.00 -5.13 -7.17
CA LYS A 21 -4.19 -5.85 -6.73
C LYS A 21 -4.23 -5.98 -5.20
N ALA A 22 -3.08 -6.14 -4.56
CA ALA A 22 -3.02 -6.21 -3.11
C ALA A 22 -3.57 -4.94 -2.48
N TYR A 23 -3.20 -3.81 -3.05
CA TYR A 23 -3.75 -2.52 -2.65
C TYR A 23 -5.25 -2.46 -2.95
N ARG A 24 -5.64 -2.99 -4.09
CA ARG A 24 -7.03 -2.98 -4.54
C ARG A 24 -7.90 -3.87 -3.66
N ARG A 25 -7.42 -5.07 -3.35
CA ARG A 25 -8.16 -6.00 -2.49
C ARG A 25 -8.28 -5.42 -1.08
N LYS A 26 -7.27 -4.67 -0.66
CA LYS A 26 -7.29 -4.01 0.64
C LYS A 26 -8.29 -2.87 0.63
N ALA A 27 -8.33 -2.15 -0.49
CA ALA A 27 -9.35 -1.14 -0.72
C ALA A 27 -10.75 -1.72 -0.56
N LEU A 28 -10.91 -2.96 -1.01
CA LEU A 28 -12.16 -3.70 -0.84
C LEU A 28 -12.42 -4.02 0.63
N GLN A 29 -11.36 -4.32 1.38
CA GLN A 29 -11.48 -4.61 2.80
C GLN A 29 -12.03 -3.39 3.55
N TRP A 30 -11.66 -2.21 3.07
CA TRP A 30 -12.07 -0.96 3.70
C TRP A 30 -13.13 -0.26 2.84
N HIS A 31 -13.75 -1.03 1.96
CA HIS A 31 -14.77 -0.50 1.05
C HIS A 31 -16.04 -0.17 1.83
N PRO A 32 -16.83 0.81 1.37
CA PRO A 32 -18.07 1.24 2.05
C PRO A 32 -19.03 0.10 2.32
N ASP A 33 -18.99 -0.90 1.44
CA ASP A 33 -19.80 -2.10 1.60
C ASP A 33 -19.45 -2.81 2.90
N LYS A 34 -18.18 -2.75 3.27
CA LYS A 34 -17.67 -3.41 4.46
C LYS A 34 -17.35 -2.36 5.54
N ASN A 35 -17.90 -1.18 5.34
CA ASN A 35 -17.66 -0.05 6.24
C ASN A 35 -18.96 0.36 6.93
N PRO A 36 -18.91 0.63 8.25
CA PRO A 36 -20.08 1.04 9.03
C PRO A 36 -20.32 2.56 8.97
N ASP A 37 -20.33 3.23 10.13
CA ASP A 37 -20.61 4.66 10.18
C ASP A 37 -19.32 5.47 10.24
N ASN A 38 -18.21 4.79 10.43
CA ASN A 38 -16.91 5.44 10.50
C ASN A 38 -16.16 5.20 9.21
N LYS A 39 -16.15 6.18 8.34
CA LYS A 39 -15.55 6.03 7.02
C LYS A 39 -14.16 6.64 6.98
N GLU A 40 -13.88 7.53 7.92
CA GLU A 40 -12.61 8.25 7.95
C GLU A 40 -11.43 7.27 8.01
N PHE A 41 -11.55 6.24 8.84
CA PHE A 41 -10.48 5.24 8.97
C PHE A 41 -10.34 4.45 7.67
N ALA A 42 -11.45 4.18 7.01
CA ALA A 42 -11.44 3.48 5.73
C ALA A 42 -10.67 4.29 4.68
N GLU A 43 -10.85 5.61 4.72
CA GLU A 43 -10.11 6.51 3.83
C GLU A 43 -8.65 6.55 4.24
N LYS A 44 -8.44 6.61 5.55
CA LYS A 44 -7.10 6.64 6.12
C LYS A 44 -6.31 5.41 5.67
N LYS A 45 -6.92 4.25 5.77
CA LYS A 45 -6.28 3.01 5.36
C LYS A 45 -6.03 2.99 3.86
N PHE A 46 -6.97 3.58 3.13
CA PHE A 46 -6.87 3.67 1.67
C PHE A 46 -5.69 4.57 1.26
N LYS A 47 -5.51 5.66 1.99
CA LYS A 47 -4.43 6.60 1.71
C LYS A 47 -3.06 5.98 1.97
N GLU A 48 -2.95 5.27 3.09
CA GLU A 48 -1.68 4.66 3.49
C GLU A 48 -1.26 3.57 2.50
N VAL A 49 -2.22 2.77 2.06
CA VAL A 49 -1.91 1.70 1.11
C VAL A 49 -1.59 2.28 -0.25
N ALA A 50 -2.30 3.33 -0.64
CA ALA A 50 -2.09 3.97 -1.94
C ALA A 50 -0.65 4.47 -2.10
N GLU A 51 -0.14 5.12 -1.06
CA GLU A 51 1.22 5.65 -1.12
C GLU A 51 2.23 4.51 -1.06
N ALA A 52 1.95 3.55 -0.19
CA ALA A 52 2.86 2.46 0.07
C ALA A 52 2.98 1.52 -1.13
N TYR A 53 1.85 1.22 -1.76
CA TYR A 53 1.85 0.32 -2.90
C TYR A 53 2.48 1.01 -4.11
N GLU A 54 2.20 2.31 -4.26
CA GLU A 54 2.66 3.04 -5.43
C GLU A 54 4.17 3.23 -5.38
N VAL A 55 4.69 3.58 -4.20
CA VAL A 55 6.13 3.78 -4.03
C VAL A 55 6.87 2.46 -4.17
N LEU A 56 6.28 1.38 -3.67
CA LEU A 56 6.90 0.06 -3.75
C LEU A 56 6.84 -0.47 -5.18
N SER A 57 5.86 0.00 -5.93
CA SER A 57 5.63 -0.51 -7.28
C SER A 57 6.68 0.05 -8.23
N ASP A 58 7.30 1.15 -7.83
CA ASP A 58 8.37 1.72 -8.62
C ASP A 58 9.70 1.58 -7.87
N LYS A 59 10.63 0.91 -8.51
CA LYS A 59 11.91 0.59 -7.89
C LYS A 59 12.73 1.83 -7.61
N HIS A 60 12.65 2.79 -8.51
CA HIS A 60 13.40 4.03 -8.38
C HIS A 60 12.86 4.87 -7.22
N LYS A 61 11.55 4.91 -7.05
CA LYS A 61 10.96 5.64 -5.93
C LYS A 61 11.43 5.09 -4.60
N ARG A 62 11.61 3.77 -4.52
CA ARG A 62 12.02 3.13 -3.27
C ARG A 62 13.40 3.59 -2.84
N GLU A 63 14.35 3.60 -3.77
CA GLU A 63 15.71 4.00 -3.43
C GLU A 63 15.74 5.47 -3.04
N ILE A 64 14.95 6.28 -3.74
CA ILE A 64 14.86 7.70 -3.45
C ILE A 64 14.19 7.94 -2.10
N TYR A 65 13.11 7.21 -1.85
CA TYR A 65 12.33 7.37 -0.64
C TYR A 65 13.17 7.09 0.61
N ASP A 66 13.97 6.04 0.56
CA ASP A 66 14.79 5.66 1.70
C ASP A 66 15.97 6.60 1.91
N ARG A 67 16.64 7.01 0.84
CA ARG A 67 17.83 7.85 0.96
C ARG A 67 17.46 9.28 1.36
N TYR A 68 16.27 9.73 0.95
CA TYR A 68 15.84 11.10 1.15
C TYR A 68 14.81 11.18 2.29
N GLY A 69 14.41 10.03 2.78
CA GLY A 69 13.42 9.95 3.84
C GLY A 69 13.87 10.56 5.15
N ARG A 70 15.07 10.18 5.56
CA ARG A 70 15.61 10.61 6.84
C ARG A 70 15.72 12.12 6.96
N GLU A 71 16.22 12.78 5.93
CA GLU A 71 16.37 14.23 5.96
C GLU A 71 15.04 14.91 5.64
#